data_3EU5
#
_entry.id   3EU5
#
_cell.length_a   175.065
_cell.length_b   175.065
_cell.length_c   70.618
_cell.angle_alpha   90.00
_cell.angle_beta   90.00
_cell.angle_gamma   120.00
#
_symmetry.space_group_name_H-M   'P 61'
#
loop_
_entity.id
_entity.type
_entity.pdbx_description
1 polymer 'Protein farnesyltransferase/geranylgeranyltransferase type-1 subunit alpha'
2 polymer 'Protein farnesyltransferase subunit beta'
3 non-polymer 'ZINC ION'
4 non-polymer '(2E,6E)-3,7-dimethyl-8-({5-[(3aS,4S,6aR)-2-oxohexahydro-1H-thieno[3,4-d]imidazol-4-yl]pentanoyl}amino)octa-2,6-dien-1-yl trihydrogen diphosphate'
5 water water
#
loop_
_entity_poly.entity_id
_entity_poly.type
_entity_poly.pdbx_seq_one_letter_code
_entity_poly.pdbx_strand_id
1 'polypeptide(L)'
;MAATEGVGESAPGGEPGQPEQPPPPPPPPPAQQPQEEEMAAEAGEAAASPMDDGFLSLDSPTYVLYRDRAEWADIDPVPQ
NDGPSPVVQIIYSEKFRDVYDYFRAVLQRDERSERAFKLTRDAIELNAANYTVWHFRRVLLRSLQKDLQEEMNYIIAIIE
EQPKNYQVWHHRRVLVEWLKDPSQELEFIADILNQDAKNYHAWQHRQWVIQEFRLWDNELQYVDQLLKEDVRNNSVWNQR
HFVISNTTGYSDRAVLEREVQYTLEMIKLVPHNESAWNYLKGILQDRGLSRYPNLLNQLLDLQPSHSSPYLIAFLVDIYE
DMLENQCDNKEDILNKALELCEILAKEKDTIRKEYWRYIGRSLQSKHSRESDIPASV
;
A
2 'polypeptide(L)'
;MASSSSFTYYCPPSSSPVWSEPLYSLRPEHARERLQDDSVETVTSIEQAKVEEKIQEVFSSYKFNHLVPRLVLQREKHFH
YLKRGLRQLTDAYECLDASRPWLCYWILHSLELLDEPIPQIVATDVCQFLELCQSPDGGFGGGPGQYPHLAPTYAAVNAL
CIIGTEEAYNVINREKLLQYLYSLKQPDGSFLMHVGGEVDVRSAYCAASVASLTNIITPDLFEGTAEWIARCQNWEGGIG
GVPGMEAHGGYTFCGLAALVILKKERSLNLKSLLQWVTSRQMRFEGGFQGRCNKLVDGCYSFWQAGLLPLLHRALHAQGD
PALSMSHWMFHQQALQEYILMCCQCPAGGLLDKPGKSRDFYHTCYCLSGLSIAQHFGSGAMLHDVVMGVPENVLQPTHPV
YNIGPDKVIQATTHFLQKPVPGFEECE
;
B
#
loop_
_chem_comp.id
_chem_comp.type
_chem_comp.name
_chem_comp.formula
GBO non-polymer '(2E,6E)-3,7-dimethyl-8-({5-[(3aS,4S,6aR)-2-oxohexahydro-1H-thieno[3,4-d]imidazol-4-yl]pentanoyl}amino)octa-2,6-dien-1-yl trihydrogen diphosphate' 'C20 H35 N3 O9 P2 S'
ZN non-polymer 'ZINC ION' 'Zn 2'
#
# COMPACT_ATOMS: atom_id res chain seq x y z
N PHE A 55 -25.73 19.20 19.52
CA PHE A 55 -26.32 19.55 20.85
C PHE A 55 -25.95 18.54 22.02
N LEU A 56 -26.35 17.26 22.04
CA LEU A 56 -25.99 16.45 23.24
C LEU A 56 -24.80 15.52 23.06
N SER A 57 -23.72 15.92 23.73
CA SER A 57 -22.41 15.36 23.55
C SER A 57 -22.25 13.98 24.19
N LEU A 58 -21.37 13.14 23.62
CA LEU A 58 -21.25 11.74 24.01
C LEU A 58 -20.47 11.66 25.29
N ASP A 59 -19.81 12.75 25.64
CA ASP A 59 -19.04 12.85 26.88
C ASP A 59 -19.69 13.65 27.98
N SER A 60 -20.81 14.29 27.64
CA SER A 60 -21.60 14.93 28.65
C SER A 60 -21.92 13.97 29.79
N PRO A 61 -21.81 14.48 31.02
CA PRO A 61 -22.22 13.74 32.20
C PRO A 61 -23.68 13.40 32.09
N THR A 62 -24.45 14.28 31.50
CA THR A 62 -25.87 14.04 31.33
C THR A 62 -26.22 13.44 29.99
N TYR A 63 -25.28 12.71 29.36
CA TYR A 63 -25.57 11.96 28.15
C TYR A 63 -26.63 10.97 28.48
N VAL A 64 -27.62 10.87 27.61
CA VAL A 64 -28.70 9.90 27.74
C VAL A 64 -28.73 9.06 26.46
N LEU A 65 -28.80 7.74 26.58
CA LEU A 65 -28.98 6.88 25.40
C LEU A 65 -30.17 7.29 24.55
N TYR A 66 -30.02 7.09 23.27
CA TYR A 66 -31.09 7.38 22.36
C TYR A 66 -32.35 6.66 22.75
N ARG A 67 -32.21 5.40 23.18
CA ARG A 67 -33.39 4.63 23.53
C ARG A 67 -34.13 5.29 24.69
N ASP A 68 -33.44 6.10 25.48
CA ASP A 68 -34.06 6.79 26.59
C ASP A 68 -34.44 8.25 26.27
N ARG A 69 -34.55 8.63 25.01
CA ARG A 69 -34.80 10.01 24.65
C ARG A 69 -36.18 10.11 24.12
N ALA A 70 -36.90 11.10 24.62
CA ALA A 70 -38.31 11.24 24.34
C ALA A 70 -38.57 11.61 22.89
N GLU A 71 -37.65 12.39 22.29
CA GLU A 71 -37.77 12.78 20.87
C GLU A 71 -37.60 11.65 19.89
N TRP A 72 -37.25 10.45 20.34
CA TRP A 72 -37.03 9.30 19.44
C TRP A 72 -38.01 8.19 19.77
N ALA A 73 -38.99 8.54 20.59
CA ALA A 73 -40.00 7.60 21.07
C ALA A 73 -40.81 7.05 19.95
N ASP A 74 -40.96 7.85 18.90
CA ASP A 74 -41.77 7.45 17.79
C ASP A 74 -41.12 6.42 16.86
N ILE A 75 -39.88 6.04 17.12
CA ILE A 75 -39.12 5.27 16.14
C ILE A 75 -38.50 4.05 16.79
N ASP A 76 -38.57 2.92 16.11
CA ASP A 76 -37.97 1.70 16.61
C ASP A 76 -36.50 1.53 16.23
N PRO A 77 -35.63 1.26 17.24
CA PRO A 77 -34.26 0.84 16.89
C PRO A 77 -34.24 -0.38 16.00
N VAL A 78 -33.30 -0.43 15.07
CA VAL A 78 -33.08 -1.59 14.22
C VAL A 78 -31.74 -2.18 14.60
N PRO A 79 -31.77 -3.37 15.20
CA PRO A 79 -30.53 -4.07 15.56
C PRO A 79 -29.80 -4.62 14.36
N GLN A 80 -28.50 -4.74 14.49
CA GLN A 80 -27.69 -5.36 13.48
C GLN A 80 -28.00 -6.85 13.38
N ASN A 81 -28.23 -7.34 12.17
CA ASN A 81 -28.32 -8.76 12.01
C ASN A 81 -26.98 -9.38 11.71
N ASP A 82 -26.35 -9.96 12.72
CA ASP A 82 -25.13 -10.72 12.50
C ASP A 82 -25.45 -12.18 12.27
N GLY A 83 -26.72 -12.56 12.35
CA GLY A 83 -27.07 -13.93 12.20
C GLY A 83 -26.85 -14.71 13.49
N PRO A 84 -27.00 -16.05 13.41
CA PRO A 84 -27.18 -16.86 14.61
C PRO A 84 -25.87 -17.36 15.30
N SER A 85 -24.78 -17.66 14.56
CA SER A 85 -23.40 -17.70 15.15
C SER A 85 -22.44 -16.85 14.32
N PRO A 86 -22.35 -15.57 14.66
CA PRO A 86 -21.47 -14.59 14.10
C PRO A 86 -20.01 -14.98 14.16
N VAL A 87 -19.26 -14.46 13.21
CA VAL A 87 -17.84 -14.43 13.29
C VAL A 87 -17.43 -12.94 13.32
N VAL A 88 -16.16 -12.74 13.62
CA VAL A 88 -15.60 -11.43 13.83
C VAL A 88 -16.60 -10.50 14.54
N GLN A 89 -17.21 -11.03 15.56
CA GLN A 89 -18.25 -10.29 16.25
C GLN A 89 -17.67 -9.30 17.26
N ILE A 90 -18.01 -8.04 17.04
CA ILE A 90 -17.54 -6.98 17.91
C ILE A 90 -18.56 -6.84 19.03
N ILE A 91 -18.10 -6.98 20.26
CA ILE A 91 -18.96 -6.69 21.41
C ILE A 91 -18.90 -5.17 21.64
N TYR A 92 -19.83 -4.51 20.98
CA TYR A 92 -19.91 -3.06 20.96
C TYR A 92 -20.20 -2.63 22.35
N SER A 93 -19.63 -1.49 22.71
CA SER A 93 -20.05 -0.82 23.94
C SER A 93 -21.50 -0.41 23.83
N GLU A 94 -22.08 0.00 24.94
CA GLU A 94 -23.48 0.30 24.87
C GLU A 94 -23.82 1.64 24.17
N LYS A 95 -22.92 2.63 24.30
CA LYS A 95 -23.17 3.88 23.58
C LYS A 95 -23.21 3.59 22.10
N PHE A 96 -22.25 2.78 21.66
CA PHE A 96 -22.11 2.46 20.26
C PHE A 96 -23.30 1.75 19.68
N ARG A 97 -23.72 0.64 20.29
CA ARG A 97 -24.78 -0.16 19.71
CA ARG A 97 -24.79 -0.14 19.69
C ARG A 97 -26.02 0.72 19.61
N ASP A 98 -26.24 1.55 20.65
CA ASP A 98 -27.42 2.40 20.76
C ASP A 98 -27.42 3.43 19.65
N VAL A 99 -26.33 4.11 19.42
CA VAL A 99 -26.32 5.06 18.29
C VAL A 99 -26.55 4.32 16.96
N TYR A 100 -25.90 3.16 16.80
CA TYR A 100 -25.95 2.50 15.51
C TYR A 100 -27.27 1.78 15.28
N ASP A 101 -27.95 1.38 16.37
CA ASP A 101 -29.31 0.85 16.28
C ASP A 101 -30.26 1.94 15.74
N TYR A 102 -30.07 3.15 16.22
CA TYR A 102 -30.89 4.24 15.72
C TYR A 102 -30.43 4.73 14.33
N PHE A 103 -29.12 4.72 14.05
CA PHE A 103 -28.68 5.05 12.71
C PHE A 103 -29.30 4.07 11.73
N ARG A 104 -29.25 2.78 12.04
CA ARG A 104 -29.85 1.83 11.13
C ARG A 104 -31.31 2.17 10.87
N ALA A 105 -32.06 2.55 11.90
CA ALA A 105 -33.50 2.77 11.77
C ALA A 105 -33.73 3.98 10.92
N VAL A 106 -32.99 5.04 11.20
CA VAL A 106 -33.10 6.22 10.37
C VAL A 106 -32.75 5.90 8.90
N LEU A 107 -31.68 5.16 8.66
CA LEU A 107 -31.29 4.78 7.29
C LEU A 107 -32.38 3.98 6.62
N GLN A 108 -32.83 2.95 7.28
CA GLN A 108 -33.77 2.02 6.68
C GLN A 108 -34.98 2.69 6.10
N ARG A 109 -35.53 3.65 6.81
CA ARG A 109 -36.65 4.40 6.30
C ARG A 109 -36.21 5.67 5.57
N ASP A 110 -34.93 5.83 5.32
CA ASP A 110 -34.49 6.99 4.61
C ASP A 110 -35.09 8.30 5.16
N GLU A 111 -34.98 8.49 6.48
CA GLU A 111 -35.55 9.67 7.09
C GLU A 111 -34.62 10.83 6.95
N ARG A 112 -35.06 11.89 6.30
CA ARG A 112 -34.17 13.00 6.00
C ARG A 112 -34.39 14.08 6.99
N SER A 113 -34.14 13.79 8.25
CA SER A 113 -34.46 14.71 9.34
C SER A 113 -33.25 15.39 9.88
N GLU A 114 -33.46 16.57 10.44
CA GLU A 114 -32.41 17.24 11.15
C GLU A 114 -31.89 16.34 12.29
N ARG A 115 -32.76 15.57 12.93
CA ARG A 115 -32.32 14.71 14.00
C ARG A 115 -31.44 13.59 13.46
N ALA A 116 -31.75 13.05 12.29
CA ALA A 116 -30.92 12.04 11.64
C ALA A 116 -29.54 12.63 11.31
N PHE A 117 -29.52 13.90 10.93
CA PHE A 117 -28.28 14.58 10.68
C PHE A 117 -27.42 14.69 11.91
N LYS A 118 -27.99 15.04 13.06
CA LYS A 118 -27.20 15.10 14.28
C LYS A 118 -26.80 13.72 14.67
N LEU A 119 -27.68 12.76 14.42
CA LEU A 119 -27.36 11.39 14.71
C LEU A 119 -26.09 10.93 13.94
N THR A 120 -25.92 11.39 12.69
CA THR A 120 -24.80 10.90 11.88
C THR A 120 -23.47 11.37 12.50
N ARG A 121 -23.51 12.54 13.11
CA ARG A 121 -22.32 13.15 13.74
C ARG A 121 -21.78 12.24 14.82
N ASP A 122 -22.72 11.76 15.65
CA ASP A 122 -22.42 10.78 16.68
C ASP A 122 -21.87 9.51 16.08
N ALA A 123 -22.60 8.96 15.11
CA ALA A 123 -22.18 7.71 14.48
C ALA A 123 -20.76 7.82 13.88
N ILE A 124 -20.44 8.96 13.29
CA ILE A 124 -19.08 9.23 12.83
C ILE A 124 -18.08 9.38 13.99
N GLU A 125 -18.46 10.10 15.04
CA GLU A 125 -17.55 10.16 16.17
C GLU A 125 -17.20 8.74 16.65
N LEU A 126 -18.10 7.81 16.55
CA LEU A 126 -17.83 6.53 17.11
C LEU A 126 -17.06 5.65 16.17
N ASN A 127 -17.18 5.91 14.84
CA ASN A 127 -16.40 5.18 13.80
C ASN A 127 -16.28 6.02 12.58
N ALA A 128 -15.32 6.92 12.55
CA ALA A 128 -15.08 7.80 11.39
C ALA A 128 -14.81 7.09 10.06
N ALA A 129 -14.64 5.77 10.10
CA ALA A 129 -14.36 5.01 8.90
C ALA A 129 -15.63 4.37 8.23
N ASN A 130 -16.80 4.66 8.74
CA ASN A 130 -18.01 4.05 8.21
C ASN A 130 -18.47 4.87 7.03
N TYR A 131 -18.06 4.46 5.86
CA TYR A 131 -18.38 5.16 4.65
C TYR A 131 -19.92 5.15 4.39
N THR A 132 -20.65 4.16 4.92
CA THR A 132 -22.13 4.19 4.77
C THR A 132 -22.69 5.40 5.48
N VAL A 133 -22.20 5.63 6.69
CA VAL A 133 -22.66 6.77 7.46
C VAL A 133 -22.33 8.06 6.70
N TRP A 134 -21.08 8.18 6.22
CA TRP A 134 -20.68 9.40 5.50
C TRP A 134 -21.55 9.65 4.25
N HIS A 135 -21.82 8.58 3.51
CA HIS A 135 -22.70 8.73 2.38
C HIS A 135 -24.05 9.29 2.85
N PHE A 136 -24.66 8.64 3.85
CA PHE A 136 -25.94 9.11 4.30
C PHE A 136 -25.81 10.56 4.72
N ARG A 137 -24.70 10.96 5.33
CA ARG A 137 -24.61 12.33 5.78
C ARG A 137 -24.60 13.29 4.59
N ARG A 138 -23.98 12.87 3.49
CA ARG A 138 -23.90 13.73 2.31
C ARG A 138 -25.26 13.90 1.69
N VAL A 139 -26.03 12.82 1.61
CA VAL A 139 -27.41 12.93 1.17
C VAL A 139 -28.22 13.92 2.03
N LEU A 140 -28.07 13.85 3.35
CA LEU A 140 -28.78 14.76 4.24
C LEU A 140 -28.28 16.19 4.03
N LEU A 141 -26.96 16.38 3.98
CA LEU A 141 -26.38 17.70 3.69
C LEU A 141 -27.11 18.38 2.56
N ARG A 142 -27.35 17.62 1.49
CA ARG A 142 -28.16 18.08 0.37
C ARG A 142 -29.63 18.29 0.73
N SER A 143 -30.39 17.25 1.09
CA SER A 143 -31.84 17.42 1.43
C SER A 143 -32.15 18.50 2.43
N LEU A 144 -31.42 18.59 3.52
CA LEU A 144 -31.75 19.63 4.50
C LEU A 144 -31.16 20.92 4.06
N GLN A 145 -30.54 20.90 2.89
CA GLN A 145 -29.95 22.03 2.32
C GLN A 145 -29.03 22.70 3.31
N LYS A 146 -28.07 21.97 3.84
CA LYS A 146 -27.25 22.53 4.90
C LYS A 146 -26.19 23.52 4.41
N ASP A 147 -25.79 24.34 5.36
CA ASP A 147 -24.71 25.29 5.24
C ASP A 147 -23.40 24.53 5.15
N LEU A 148 -22.68 24.70 4.03
CA LEU A 148 -21.46 23.98 3.79
C LEU A 148 -20.27 24.64 4.39
N GLN A 149 -20.39 25.88 4.79
CA GLN A 149 -19.26 26.51 5.47
C GLN A 149 -19.02 25.88 6.84
N GLU A 150 -20.09 25.55 7.56
CA GLU A 150 -19.97 24.93 8.88
C GLU A 150 -19.55 23.49 8.70
N GLU A 151 -20.10 22.84 7.68
CA GLU A 151 -19.70 21.51 7.34
C GLU A 151 -18.17 21.52 7.03
N MET A 152 -17.71 22.43 6.18
CA MET A 152 -16.27 22.62 6.05
C MET A 152 -15.58 22.78 7.40
N ASN A 153 -16.09 23.56 8.36
CA ASN A 153 -15.38 23.64 9.65
C ASN A 153 -15.41 22.32 10.41
N TYR A 154 -16.49 21.56 10.25
CA TYR A 154 -16.69 20.24 10.89
C TYR A 154 -15.59 19.31 10.42
N ILE A 155 -15.51 19.15 9.10
CA ILE A 155 -14.52 18.29 8.53
C ILE A 155 -13.11 18.79 8.83
N ILE A 156 -12.92 20.08 8.97
CA ILE A 156 -11.57 20.53 9.27
C ILE A 156 -11.15 19.95 10.60
N ALA A 157 -12.02 20.06 11.59
CA ALA A 157 -11.69 19.58 12.92
C ALA A 157 -11.52 18.07 12.89
N ILE A 158 -12.34 17.38 12.10
CA ILE A 158 -12.28 15.92 12.07
C ILE A 158 -10.96 15.42 11.52
N ILE A 159 -10.55 16.03 10.42
CA ILE A 159 -9.32 15.65 9.76
C ILE A 159 -8.16 15.93 10.69
N GLU A 160 -8.13 17.12 11.26
CA GLU A 160 -7.12 17.42 12.27
C GLU A 160 -7.00 16.30 13.33
N GLU A 161 -8.13 15.77 13.76
CA GLU A 161 -8.13 14.67 14.72
C GLU A 161 -7.71 13.33 14.13
N GLN A 162 -8.13 12.98 12.92
CA GLN A 162 -7.75 11.65 12.35
C GLN A 162 -7.34 11.86 10.89
N PRO A 163 -6.12 12.34 10.68
CA PRO A 163 -5.68 12.71 9.34
C PRO A 163 -5.28 11.53 8.44
N LYS A 164 -5.36 10.31 8.96
CA LYS A 164 -4.91 9.17 8.20
C LYS A 164 -6.12 8.32 8.01
N ASN A 165 -7.11 8.78 7.25
CA ASN A 165 -8.47 8.18 7.14
C ASN A 165 -8.99 8.65 5.77
N TYR A 166 -9.25 7.71 4.88
CA TYR A 166 -9.72 8.01 3.52
C TYR A 166 -11.03 8.77 3.47
N GLN A 167 -11.96 8.43 4.34
CA GLN A 167 -13.38 8.79 4.15
C GLN A 167 -13.65 10.31 4.35
N VAL A 168 -12.75 10.85 5.14
CA VAL A 168 -12.79 12.16 5.73
C VAL A 168 -12.10 13.17 4.81
N TRP A 169 -11.04 12.75 4.10
CA TRP A 169 -10.45 13.58 3.08
C TRP A 169 -11.40 13.61 1.90
N HIS A 170 -11.90 12.44 1.51
CA HIS A 170 -12.85 12.40 0.43
C HIS A 170 -14.09 13.26 0.69
N HIS A 171 -14.59 13.25 1.92
CA HIS A 171 -15.74 14.10 2.23
C HIS A 171 -15.37 15.55 1.93
N ARG A 172 -14.23 15.95 2.45
CA ARG A 172 -13.82 17.33 2.35
C ARG A 172 -13.74 17.69 0.92
N ARG A 173 -13.23 16.75 0.12
CA ARG A 173 -13.09 17.00 -1.28
C ARG A 173 -14.42 17.22 -1.94
N VAL A 174 -15.40 16.35 -1.66
CA VAL A 174 -16.74 16.50 -2.23
C VAL A 174 -17.36 17.86 -1.88
N LEU A 175 -17.04 18.36 -0.68
CA LEU A 175 -17.47 19.70 -0.25
C LEU A 175 -16.87 20.75 -1.14
N VAL A 176 -15.58 20.62 -1.43
CA VAL A 176 -14.88 21.59 -2.25
C VAL A 176 -15.39 21.60 -3.69
N GLU A 177 -15.79 20.44 -4.22
CA GLU A 177 -16.44 20.36 -5.55
C GLU A 177 -17.80 21.06 -5.59
N TRP A 178 -18.54 20.91 -4.48
CA TRP A 178 -19.85 21.51 -4.34
C TRP A 178 -19.70 23.02 -4.23
N LEU A 179 -18.88 23.47 -3.28
CA LEU A 179 -18.57 24.89 -3.13
C LEU A 179 -17.76 25.52 -4.29
N LYS A 180 -17.36 24.72 -5.30
CA LYS A 180 -16.26 25.04 -6.21
C LYS A 180 -15.43 26.17 -5.64
N ASP A 181 -14.84 25.96 -4.47
CA ASP A 181 -14.12 27.02 -3.78
C ASP A 181 -12.94 26.49 -2.97
N PRO A 182 -11.74 26.59 -3.54
CA PRO A 182 -10.48 26.14 -3.01
C PRO A 182 -9.76 27.11 -2.11
N SER A 183 -10.36 28.24 -1.82
CA SER A 183 -9.70 29.27 -1.03
C SER A 183 -9.01 28.81 0.25
N GLN A 184 -9.54 27.79 0.93
CA GLN A 184 -9.04 27.37 2.25
C GLN A 184 -8.07 26.21 2.17
N GLU A 185 -7.93 25.65 0.97
CA GLU A 185 -7.36 24.33 0.81
C GLU A 185 -5.87 24.23 1.11
N LEU A 186 -5.09 25.14 0.56
CA LEU A 186 -3.65 24.99 0.65
C LEU A 186 -3.12 25.28 2.03
N GLU A 187 -3.68 26.31 2.66
CA GLU A 187 -3.30 26.63 4.04
C GLU A 187 -3.82 25.56 5.00
N PHE A 188 -5.03 25.04 4.75
CA PHE A 188 -5.48 23.91 5.53
C PHE A 188 -4.42 22.83 5.39
N ILE A 189 -4.21 22.37 4.14
CA ILE A 189 -3.31 21.26 3.89
C ILE A 189 -1.95 21.48 4.52
N ALA A 190 -1.47 22.70 4.44
CA ALA A 190 -0.18 23.05 4.99
C ALA A 190 -0.05 22.85 6.52
N ASP A 191 -1.17 22.92 7.23
CA ASP A 191 -1.17 22.79 8.68
C ASP A 191 -1.16 21.34 9.09
N ILE A 192 -1.83 20.48 8.31
CA ILE A 192 -1.71 19.03 8.49
C ILE A 192 -0.26 18.60 8.22
N LEU A 193 0.26 19.10 7.09
CA LEU A 193 1.63 18.78 6.66
C LEU A 193 2.63 19.29 7.64
N ASN A 194 2.23 20.34 8.33
CA ASN A 194 3.02 20.84 9.42
C ASN A 194 3.07 19.92 10.64
N GLN A 195 2.07 19.05 10.81
CA GLN A 195 2.11 18.01 11.86
C GLN A 195 2.70 16.67 11.34
N ASP A 196 2.42 16.33 10.08
CA ASP A 196 2.98 15.12 9.42
C ASP A 196 3.23 15.54 8.00
N ALA A 197 4.50 15.83 7.76
CA ALA A 197 4.98 16.38 6.47
C ALA A 197 4.90 15.40 5.33
N LYS A 198 4.60 14.14 5.63
CA LYS A 198 4.54 13.10 4.62
C LYS A 198 3.15 12.48 4.49
N ASN A 199 2.19 12.97 5.28
CA ASN A 199 0.83 12.47 5.18
C ASN A 199 0.40 12.37 3.70
N TYR A 200 0.12 11.15 3.29
CA TYR A 200 -0.07 10.85 1.89
C TYR A 200 -1.39 11.43 1.44
N HIS A 201 -2.42 11.36 2.29
CA HIS A 201 -3.76 11.88 1.91
C HIS A 201 -3.70 13.36 1.66
N ALA A 202 -2.88 14.03 2.49
CA ALA A 202 -2.75 15.50 2.46
C ALA A 202 -2.04 15.91 1.16
N TRP A 203 -0.97 15.22 0.81
CA TRP A 203 -0.34 15.50 -0.49
C TRP A 203 -1.28 15.20 -1.66
N GLN A 204 -2.01 14.10 -1.58
CA GLN A 204 -2.96 13.76 -2.66
C GLN A 204 -3.98 14.85 -2.87
N HIS A 205 -4.44 15.37 -1.74
CA HIS A 205 -5.48 16.36 -1.77
C HIS A 205 -4.89 17.65 -2.30
N ARG A 206 -3.66 17.92 -1.89
CA ARG A 206 -2.95 19.09 -2.36
C ARG A 206 -2.86 19.04 -3.87
N GLN A 207 -2.37 17.92 -4.41
CA GLN A 207 -2.19 17.80 -5.84
C GLN A 207 -3.51 17.92 -6.54
N TRP A 208 -4.58 17.49 -5.89
CA TRP A 208 -5.86 17.49 -6.56
C TRP A 208 -6.40 18.89 -6.69
N VAL A 209 -6.31 19.68 -5.61
CA VAL A 209 -6.69 21.08 -5.62
C VAL A 209 -5.90 21.77 -6.71
N ILE A 210 -4.58 21.68 -6.63
CA ILE A 210 -3.75 22.35 -7.58
C ILE A 210 -4.14 22.00 -9.01
N GLN A 211 -4.34 20.74 -9.34
CA GLN A 211 -4.71 20.45 -10.71
C GLN A 211 -6.05 21.05 -11.05
N GLU A 212 -7.07 20.80 -10.25
CA GLU A 212 -8.43 21.32 -10.57
C GLU A 212 -8.60 22.82 -10.63
N PHE A 213 -8.12 23.53 -9.63
CA PHE A 213 -8.20 25.00 -9.61
C PHE A 213 -6.89 25.69 -10.04
N ARG A 214 -6.12 24.98 -10.89
CA ARG A 214 -4.92 25.50 -11.46
C ARG A 214 -4.22 26.42 -10.51
N LEU A 215 -3.68 25.88 -9.43
CA LEU A 215 -3.09 26.72 -8.39
C LEU A 215 -1.61 26.52 -8.24
N TRP A 216 -0.94 26.59 -9.39
CA TRP A 216 0.48 26.28 -9.55
C TRP A 216 1.45 27.34 -9.07
N ASP A 217 0.99 28.56 -8.98
CA ASP A 217 1.89 29.68 -8.87
C ASP A 217 2.74 29.77 -7.62
N ASN A 218 2.40 29.08 -6.55
CA ASN A 218 3.22 29.19 -5.36
C ASN A 218 3.80 27.90 -4.89
N GLU A 219 3.56 26.85 -5.64
CA GLU A 219 3.79 25.54 -5.12
C GLU A 219 5.29 25.25 -5.05
N LEU A 220 6.04 25.81 -5.99
CA LEU A 220 7.46 25.59 -6.02
C LEU A 220 8.14 26.35 -4.88
N GLN A 221 7.57 27.49 -4.52
CA GLN A 221 7.95 28.21 -3.31
C GLN A 221 7.73 27.34 -2.05
N TYR A 222 6.53 26.77 -1.89
CA TYR A 222 6.24 25.89 -0.76
C TYR A 222 7.18 24.69 -0.75
N VAL A 223 7.31 24.06 -1.91
CA VAL A 223 8.26 22.99 -2.10
C VAL A 223 9.66 23.36 -1.68
N ASP A 224 10.14 24.56 -2.03
CA ASP A 224 11.56 24.88 -1.69
C ASP A 224 11.73 25.01 -0.18
N GLN A 225 10.70 25.52 0.45
CA GLN A 225 10.71 25.71 1.89
C GLN A 225 10.76 24.39 2.64
N LEU A 226 9.94 23.43 2.20
CA LEU A 226 9.91 22.12 2.85
C LEU A 226 11.19 21.36 2.65
N LEU A 227 11.81 21.50 1.48
CA LEU A 227 13.15 20.94 1.26
C LEU A 227 14.16 21.52 2.23
N LYS A 228 14.01 22.79 2.55
CA LYS A 228 14.86 23.44 3.56
C LYS A 228 14.60 22.86 4.95
N GLU A 229 13.35 22.55 5.22
CA GLU A 229 13.00 21.93 6.50
C GLU A 229 13.42 20.46 6.65
N ASP A 230 13.24 19.67 5.61
CA ASP A 230 13.70 18.28 5.63
C ASP A 230 14.04 17.94 4.22
N VAL A 231 15.30 18.07 3.85
CA VAL A 231 15.72 17.75 2.48
C VAL A 231 15.49 16.25 2.10
N ARG A 232 15.29 15.41 3.12
CA ARG A 232 15.02 13.99 2.93
C ARG A 232 13.56 13.65 2.70
N ASN A 233 12.68 14.67 2.58
CA ASN A 233 11.22 14.45 2.48
C ASN A 233 10.86 14.15 1.05
N ASN A 234 10.75 12.86 0.80
CA ASN A 234 10.49 12.35 -0.53
C ASN A 234 9.18 12.88 -1.06
N SER A 235 8.19 13.07 -0.19
CA SER A 235 6.90 13.55 -0.67
C SER A 235 7.11 14.91 -1.33
N VAL A 236 8.05 15.68 -0.78
CA VAL A 236 8.35 17.00 -1.33
C VAL A 236 9.19 16.97 -2.64
N TRP A 237 10.17 16.07 -2.75
CA TRP A 237 10.76 15.89 -4.06
C TRP A 237 9.72 15.44 -5.08
N ASN A 238 8.77 14.59 -4.68
CA ASN A 238 7.74 14.19 -5.65
C ASN A 238 6.93 15.41 -6.04
N GLN A 239 6.78 16.34 -5.11
CA GLN A 239 5.96 17.53 -5.36
C GLN A 239 6.70 18.43 -6.33
N ARG A 240 7.97 18.71 -6.05
CA ARG A 240 8.84 19.45 -6.97
C ARG A 240 8.72 18.91 -8.40
N HIS A 241 8.80 17.60 -8.51
CA HIS A 241 8.68 17.00 -9.84
C HIS A 241 7.28 17.20 -10.40
N PHE A 242 6.27 16.94 -9.60
CA PHE A 242 4.88 17.14 -9.99
C PHE A 242 4.70 18.57 -10.52
N VAL A 243 5.11 19.56 -9.73
CA VAL A 243 4.96 20.94 -10.10
C VAL A 243 5.70 21.27 -11.38
N ILE A 244 7.00 20.97 -11.44
CA ILE A 244 7.85 21.37 -12.60
C ILE A 244 7.37 20.75 -13.91
N SER A 245 6.96 19.50 -13.90
CA SER A 245 6.53 18.86 -15.14
C SER A 245 5.20 19.36 -15.61
N ASN A 246 4.51 20.08 -14.77
CA ASN A 246 3.21 20.58 -15.14
C ASN A 246 3.25 22.04 -15.58
N THR A 247 4.22 22.78 -15.06
CA THR A 247 4.43 24.16 -15.43
C THR A 247 5.35 24.18 -16.66
N THR A 248 6.64 24.46 -16.44
CA THR A 248 7.66 24.58 -17.48
C THR A 248 7.96 23.32 -18.26
N GLY A 249 8.02 22.16 -17.62
CA GLY A 249 8.54 20.94 -18.25
C GLY A 249 10.02 20.94 -17.92
N TYR A 250 10.73 19.89 -18.32
CA TYR A 250 12.20 19.80 -18.03
C TYR A 250 13.11 20.05 -19.25
N SER A 251 12.54 20.21 -20.46
CA SER A 251 13.35 20.46 -21.68
C SER A 251 13.97 21.82 -21.76
N ASP A 252 13.26 22.88 -21.40
CA ASP A 252 13.91 24.17 -21.39
C ASP A 252 15.26 23.96 -20.68
N ARG A 253 16.35 24.24 -21.40
CA ARG A 253 17.70 24.00 -20.92
C ARG A 253 17.96 24.73 -19.64
N ALA A 254 17.49 25.97 -19.56
CA ALA A 254 17.74 26.78 -18.37
C ALA A 254 17.21 26.07 -17.13
N VAL A 255 16.03 25.45 -17.27
CA VAL A 255 15.32 24.79 -16.16
C VAL A 255 16.13 23.58 -15.75
N LEU A 256 16.41 22.74 -16.75
CA LEU A 256 17.12 21.53 -16.50
C LEU A 256 18.45 21.84 -15.85
N GLU A 257 19.05 22.96 -16.15
CA GLU A 257 20.34 23.20 -15.56
C GLU A 257 20.22 23.64 -14.13
N ARG A 258 19.22 24.46 -13.85
CA ARG A 258 18.97 24.94 -12.49
C ARG A 258 18.70 23.68 -11.67
N GLU A 259 17.80 22.85 -12.20
CA GLU A 259 17.45 21.61 -11.53
C GLU A 259 18.65 20.69 -11.23
N VAL A 260 19.47 20.39 -12.23
CA VAL A 260 20.60 19.50 -12.02
C VAL A 260 21.58 20.13 -11.06
N GLN A 261 21.82 21.43 -11.20
CA GLN A 261 22.76 22.10 -10.31
C GLN A 261 22.31 22.01 -8.82
N TYR A 262 21.03 22.29 -8.65
CA TYR A 262 20.36 22.25 -7.34
C TYR A 262 20.47 20.89 -6.68
N THR A 263 20.12 19.85 -7.44
CA THR A 263 20.13 18.51 -6.94
C THR A 263 21.57 18.20 -6.54
N LEU A 264 22.54 18.52 -7.39
CA LEU A 264 23.94 18.31 -7.00
C LEU A 264 24.37 19.11 -5.78
N GLU A 265 23.89 20.34 -5.61
CA GLU A 265 24.23 21.09 -4.40
C GLU A 265 23.73 20.30 -3.22
N MET A 266 22.54 19.74 -3.41
CA MET A 266 21.88 18.97 -2.36
C MET A 266 22.55 17.63 -2.05
N ILE A 267 22.90 16.89 -3.10
CA ILE A 267 23.72 15.70 -2.94
C ILE A 267 25.04 15.96 -2.22
N LYS A 268 25.75 17.05 -2.56
CA LYS A 268 27.02 17.38 -1.88
C LYS A 268 26.77 17.66 -0.40
N LEU A 269 25.72 18.43 -0.10
CA LEU A 269 25.38 18.78 1.27
C LEU A 269 25.06 17.53 2.12
N VAL A 270 24.43 16.53 1.49
CA VAL A 270 23.94 15.31 2.14
C VAL A 270 24.04 14.10 1.21
N PRO A 271 25.26 13.58 0.98
CA PRO A 271 25.58 12.47 0.03
C PRO A 271 24.72 11.20 0.08
N HIS A 272 24.26 10.83 1.27
CA HIS A 272 23.46 9.60 1.48
C HIS A 272 21.94 9.83 1.50
N ASN A 273 21.46 10.96 1.03
CA ASN A 273 20.03 11.19 0.86
C ASN A 273 19.55 10.66 -0.48
N GLU A 274 18.82 9.56 -0.45
CA GLU A 274 18.47 8.87 -1.69
C GLU A 274 17.54 9.70 -2.56
N SER A 275 16.76 10.56 -1.94
CA SER A 275 15.72 11.24 -2.66
C SER A 275 16.36 12.11 -3.76
N ALA A 276 17.38 12.90 -3.39
CA ALA A 276 18.12 13.72 -4.33
C ALA A 276 18.59 12.87 -5.53
N TRP A 277 19.27 11.77 -5.21
CA TRP A 277 19.74 10.88 -6.23
C TRP A 277 18.62 10.36 -7.10
N ASN A 278 17.50 10.00 -6.48
CA ASN A 278 16.35 9.51 -7.23
C ASN A 278 15.83 10.62 -8.14
N TYR A 279 15.87 11.85 -7.66
CA TYR A 279 15.38 12.99 -8.44
C TYR A 279 16.28 13.26 -9.65
N LEU A 280 17.59 13.18 -9.39
CA LEU A 280 18.61 13.34 -10.40
C LEU A 280 18.40 12.36 -11.53
N LYS A 281 18.34 11.08 -11.16
CA LYS A 281 18.07 10.04 -12.16
C LYS A 281 16.76 10.32 -12.88
N GLY A 282 15.77 10.87 -12.19
CA GLY A 282 14.44 10.94 -12.75
C GLY A 282 14.34 12.00 -13.82
N ILE A 283 14.94 13.14 -13.53
CA ILE A 283 14.89 14.25 -14.46
C ILE A 283 15.79 14.04 -15.69
N LEU A 284 16.83 13.21 -15.53
CA LEU A 284 17.88 13.04 -16.56
C LEU A 284 17.73 11.77 -17.37
N GLN A 285 17.36 10.66 -16.74
CA GLN A 285 17.66 9.34 -17.33
C GLN A 285 17.04 9.28 -18.72
N ASP A 286 15.99 10.07 -18.95
CA ASP A 286 15.10 9.89 -20.10
C ASP A 286 15.54 10.71 -21.35
N ARG A 287 16.11 11.89 -21.07
CA ARG A 287 17.12 12.54 -21.95
C ARG A 287 18.19 11.63 -22.50
N GLY A 288 18.66 10.67 -21.68
CA GLY A 288 19.88 9.91 -21.95
C GLY A 288 20.99 10.52 -21.12
N LEU A 289 21.61 9.75 -20.23
CA LEU A 289 22.68 10.29 -19.39
C LEU A 289 23.99 10.70 -20.15
N SER A 290 24.22 10.04 -21.28
CA SER A 290 25.46 10.18 -21.96
C SER A 290 25.47 11.40 -22.88
N ARG A 291 24.37 12.13 -23.01
CA ARG A 291 24.51 13.38 -23.77
C ARG A 291 25.12 14.49 -22.90
N TYR A 292 25.36 14.16 -21.62
CA TYR A 292 25.90 15.12 -20.66
C TYR A 292 27.32 14.72 -20.19
N PRO A 293 28.34 14.86 -21.06
CA PRO A 293 29.66 14.27 -20.83
C PRO A 293 30.36 14.78 -19.56
N ASN A 294 30.16 16.04 -19.24
CA ASN A 294 30.65 16.57 -17.97
C ASN A 294 30.14 15.85 -16.72
N LEU A 295 28.94 15.29 -16.77
CA LEU A 295 28.30 14.68 -15.62
C LEU A 295 29.17 13.53 -15.09
N LEU A 296 29.67 12.70 -15.99
CA LEU A 296 30.49 11.57 -15.55
C LEU A 296 31.65 12.04 -14.72
N ASN A 297 32.34 13.07 -15.20
CA ASN A 297 33.50 13.60 -14.51
C ASN A 297 33.16 14.29 -13.21
N GLN A 298 32.08 15.07 -13.23
CA GLN A 298 31.63 15.80 -12.05
C GLN A 298 31.27 14.83 -10.94
N LEU A 299 30.74 13.67 -11.28
CA LEU A 299 30.46 12.65 -10.24
C LEU A 299 31.73 11.91 -9.78
N LEU A 300 32.63 11.58 -10.69
CA LEU A 300 33.90 10.99 -10.29
C LEU A 300 34.66 11.87 -9.29
N ASP A 301 34.55 13.19 -9.44
CA ASP A 301 35.12 14.15 -8.50
C ASP A 301 34.56 14.01 -7.12
N LEU A 302 33.26 13.86 -7.01
CA LEU A 302 32.68 13.67 -5.68
C LEU A 302 33.21 12.44 -4.96
N GLN A 303 33.36 11.35 -5.71
CA GLN A 303 33.64 10.03 -5.16
C GLN A 303 34.50 9.96 -3.87
N PRO A 304 35.82 10.33 -3.94
CA PRO A 304 36.68 10.41 -2.74
C PRO A 304 36.01 11.01 -1.51
N SER A 305 35.50 12.21 -1.67
CA SER A 305 35.00 13.02 -0.57
C SER A 305 33.52 12.80 -0.20
N HIS A 306 32.72 12.19 -1.08
CA HIS A 306 31.23 12.11 -0.93
C HIS A 306 30.67 10.79 -1.54
N SER A 307 31.39 9.68 -1.37
CA SER A 307 30.89 8.38 -1.83
C SER A 307 29.57 7.95 -1.10
N SER A 308 28.90 6.97 -1.69
CA SER A 308 27.64 6.47 -1.25
C SER A 308 27.28 5.48 -2.31
N PRO A 309 26.66 4.36 -1.93
CA PRO A 309 26.17 3.42 -2.95
C PRO A 309 25.34 4.07 -4.08
N TYR A 310 24.73 5.22 -3.82
CA TYR A 310 23.88 5.89 -4.81
C TYR A 310 24.72 6.43 -5.96
N LEU A 311 25.82 7.08 -5.59
CA LEU A 311 26.81 7.53 -6.54
C LEU A 311 27.30 6.35 -7.39
N ILE A 312 27.77 5.30 -6.73
CA ILE A 312 28.24 4.11 -7.45
C ILE A 312 27.15 3.62 -8.43
N ALA A 313 25.91 3.57 -7.95
CA ALA A 313 24.83 3.11 -8.79
C ALA A 313 24.59 4.00 -10.02
N PHE A 314 24.76 5.29 -9.81
CA PHE A 314 24.55 6.26 -10.85
C PHE A 314 25.63 6.05 -11.91
N LEU A 315 26.87 5.94 -11.45
CA LEU A 315 27.97 5.70 -12.36
C LEU A 315 27.65 4.53 -13.28
N VAL A 316 27.07 3.48 -12.71
CA VAL A 316 26.63 2.32 -13.51
C VAL A 316 25.56 2.78 -14.54
N ASP A 317 24.62 3.64 -14.12
CA ASP A 317 23.52 4.06 -15.02
C ASP A 317 24.10 4.80 -16.23
N ILE A 318 25.16 5.59 -15.98
CA ILE A 318 25.87 6.35 -17.02
C ILE A 318 26.54 5.41 -18.02
N TYR A 319 27.42 4.57 -17.47
CA TYR A 319 28.06 3.51 -18.25
C TYR A 319 27.07 2.71 -19.05
N GLU A 320 25.92 2.36 -18.48
CA GLU A 320 24.90 1.64 -19.26
C GLU A 320 24.38 2.52 -20.41
N ASP A 321 24.13 3.81 -20.14
CA ASP A 321 23.76 4.69 -21.23
C ASP A 321 24.86 4.77 -22.28
N MET A 322 26.13 4.81 -21.84
CA MET A 322 27.24 4.87 -22.76
C MET A 322 27.24 3.65 -23.65
N LEU A 323 27.10 2.48 -23.05
CA LEU A 323 27.20 1.28 -23.82
C LEU A 323 26.06 1.18 -24.83
N GLU A 324 24.82 1.53 -24.42
CA GLU A 324 23.67 1.65 -25.36
C GLU A 324 24.02 2.56 -26.53
N ASN A 325 24.82 3.60 -26.30
CA ASN A 325 25.05 4.62 -27.29
C ASN A 325 26.36 4.44 -28.05
N GLN A 326 26.85 3.21 -28.09
CA GLN A 326 28.08 2.87 -28.84
C GLN A 326 29.24 3.85 -28.64
N CYS A 327 29.68 4.05 -27.41
CA CYS A 327 30.83 4.89 -27.13
C CYS A 327 32.14 4.16 -27.42
N ASP A 328 33.25 4.89 -27.32
CA ASP A 328 34.58 4.30 -27.47
C ASP A 328 34.99 3.61 -26.16
N ASN A 329 35.87 2.62 -26.26
CA ASN A 329 36.31 1.86 -25.09
C ASN A 329 35.19 0.99 -24.52
N LYS A 330 34.28 0.54 -25.39
CA LYS A 330 33.19 -0.35 -24.99
C LYS A 330 33.71 -1.31 -23.90
N GLU A 331 34.76 -2.10 -24.18
CA GLU A 331 35.23 -3.14 -23.22
C GLU A 331 35.65 -2.53 -21.86
N ASP A 332 36.22 -1.34 -21.91
CA ASP A 332 36.74 -0.67 -20.73
C ASP A 332 35.62 -0.14 -19.85
N ILE A 333 34.57 0.32 -20.52
CA ILE A 333 33.39 0.87 -19.85
C ILE A 333 32.61 -0.24 -19.20
N LEU A 334 32.35 -1.27 -19.97
CA LEU A 334 31.77 -2.49 -19.47
C LEU A 334 32.51 -3.08 -18.28
N ASN A 335 33.84 -3.01 -18.26
CA ASN A 335 34.56 -3.51 -17.09
C ASN A 335 34.41 -2.60 -15.89
N LYS A 336 34.40 -1.29 -16.11
CA LYS A 336 34.19 -0.38 -15.00
C LYS A 336 32.82 -0.68 -14.33
N ALA A 337 31.79 -0.78 -15.17
CA ALA A 337 30.42 -1.12 -14.71
C ALA A 337 30.35 -2.46 -13.86
N LEU A 338 30.80 -3.58 -14.45
CA LEU A 338 30.81 -4.88 -13.79
C LEU A 338 31.64 -4.83 -12.53
N GLU A 339 32.72 -4.06 -12.52
CA GLU A 339 33.50 -3.86 -11.30
C GLU A 339 32.64 -3.27 -10.16
N LEU A 340 31.90 -2.23 -10.54
CA LEU A 340 31.05 -1.51 -9.61
C LEU A 340 29.88 -2.35 -9.09
N CYS A 341 29.28 -3.11 -9.99
CA CYS A 341 28.24 -4.02 -9.60
C CYS A 341 28.73 -4.99 -8.56
N GLU A 342 29.96 -5.50 -8.76
CA GLU A 342 30.57 -6.43 -7.83
C GLU A 342 30.88 -5.78 -6.50
N ILE A 343 31.38 -4.56 -6.54
CA ILE A 343 31.56 -3.78 -5.31
C ILE A 343 30.24 -3.58 -4.53
N LEU A 344 29.13 -3.43 -5.26
CA LEU A 344 27.81 -3.28 -4.65
C LEU A 344 27.29 -4.59 -4.04
N ALA A 345 27.29 -5.64 -4.85
CA ALA A 345 26.79 -6.94 -4.43
C ALA A 345 27.56 -7.48 -3.24
N LYS A 346 28.88 -7.31 -3.25
CA LYS A 346 29.77 -7.97 -2.26
C LYS A 346 30.03 -7.13 -1.06
N GLU A 347 30.07 -5.83 -1.26
CA GLU A 347 30.65 -4.99 -0.26
C GLU A 347 29.82 -3.75 0.09
N LYS A 348 29.43 -2.92 -0.86
CA LYS A 348 28.82 -1.64 -0.45
C LYS A 348 27.29 -1.61 -0.48
N ASP A 349 26.65 -2.65 -0.96
CA ASP A 349 25.21 -2.69 -0.92
C ASP A 349 24.68 -4.11 -0.98
N THR A 350 25.06 -4.88 0.02
CA THR A 350 24.85 -6.29 0.00
C THR A 350 23.38 -6.68 0.14
N ILE A 351 22.55 -5.74 0.64
CA ILE A 351 21.15 -6.05 0.80
C ILE A 351 20.52 -6.35 -0.57
N ARG A 352 20.98 -5.61 -1.58
CA ARG A 352 20.60 -5.79 -2.98
C ARG A 352 21.51 -6.71 -3.79
N LYS A 353 22.32 -7.52 -3.11
CA LYS A 353 23.20 -8.46 -3.79
C LYS A 353 22.53 -9.19 -4.94
N GLU A 354 21.27 -9.58 -4.80
CA GLU A 354 20.59 -10.22 -5.90
C GLU A 354 20.29 -9.21 -7.06
N TYR A 355 19.99 -7.97 -6.73
CA TYR A 355 19.70 -6.99 -7.79
C TYR A 355 20.99 -6.76 -8.58
N TRP A 356 22.06 -6.50 -7.85
CA TRP A 356 23.28 -6.10 -8.49
C TRP A 356 23.91 -7.22 -9.32
N ARG A 357 23.75 -8.47 -8.86
CA ARG A 357 24.24 -9.59 -9.67
C ARG A 357 23.42 -9.74 -10.94
N TYR A 358 22.12 -9.48 -10.88
CA TYR A 358 21.30 -9.49 -12.12
C TYR A 358 21.65 -8.33 -13.09
N ILE A 359 22.16 -7.23 -12.53
CA ILE A 359 22.53 -6.10 -13.34
C ILE A 359 23.86 -6.41 -14.01
N GLY A 360 24.81 -6.93 -13.26
CA GLY A 360 26.06 -7.41 -13.88
C GLY A 360 25.83 -8.46 -14.96
N ARG A 361 24.95 -9.40 -14.70
CA ARG A 361 24.68 -10.43 -15.68
C ARG A 361 23.95 -9.90 -16.91
N SER A 362 23.21 -8.81 -16.76
CA SER A 362 22.51 -8.19 -17.88
C SER A 362 23.53 -7.43 -18.75
N LEU A 363 24.44 -6.75 -18.10
CA LEU A 363 25.45 -6.03 -18.77
C LEU A 363 26.32 -7.00 -19.56
N GLN A 364 26.86 -8.03 -18.93
CA GLN A 364 27.55 -9.07 -19.74
C GLN A 364 26.71 -9.61 -20.89
N SER A 365 25.50 -9.99 -20.57
CA SER A 365 24.67 -10.60 -21.58
C SER A 365 24.60 -9.79 -22.86
N LYS A 366 24.42 -8.47 -22.77
CA LYS A 366 24.12 -7.69 -23.96
C LYS A 366 25.24 -6.76 -24.45
N HIS A 367 26.39 -6.74 -23.78
CA HIS A 367 27.50 -5.89 -24.20
C HIS A 367 28.72 -6.81 -24.29
N SER A 368 28.84 -7.44 -25.45
CA SER A 368 29.61 -8.67 -25.61
C SER A 368 30.04 -9.04 -27.06
N ARG A 369 30.49 -10.30 -27.19
CA ARG A 369 31.52 -10.71 -28.15
C ARG A 369 32.76 -9.80 -27.98
N PRO B 22 26.50 -17.57 11.35
CA PRO B 22 25.40 -16.94 12.01
C PRO B 22 24.15 -16.64 11.12
N LEU B 23 23.35 -15.70 11.64
CA LEU B 23 22.32 -14.93 10.98
C LEU B 23 22.94 -13.61 10.48
N TYR B 24 22.50 -13.16 9.30
CA TYR B 24 23.03 -12.00 8.58
C TYR B 24 23.07 -10.76 9.44
N SER B 25 22.05 -10.57 10.26
CA SER B 25 21.87 -9.34 11.02
C SER B 25 22.76 -9.25 12.21
N LEU B 26 23.28 -10.38 12.63
CA LEU B 26 24.10 -10.49 13.84
C LEU B 26 25.60 -10.46 13.56
N ARG B 27 25.97 -10.54 12.29
CA ARG B 27 27.37 -10.55 11.90
C ARG B 27 27.87 -9.14 12.13
N PRO B 28 29.16 -9.01 12.51
CA PRO B 28 29.74 -7.72 12.94
C PRO B 28 29.87 -6.64 11.86
N GLU B 29 30.01 -7.02 10.57
CA GLU B 29 30.04 -6.05 9.43
C GLU B 29 28.68 -5.39 9.20
N HIS B 30 27.63 -6.10 9.62
CA HIS B 30 26.27 -5.60 9.55
C HIS B 30 26.13 -4.27 10.27
N ALA B 31 27.03 -3.99 11.21
CA ALA B 31 27.01 -2.71 11.89
C ALA B 31 27.40 -1.56 10.97
N ARG B 32 28.12 -1.85 9.88
CA ARG B 32 28.52 -0.78 8.99
C ARG B 32 27.31 -0.36 8.16
N GLU B 33 26.17 -1.04 8.32
CA GLU B 33 24.95 -0.73 7.60
C GLU B 33 24.06 0.25 8.33
N ARG B 34 24.51 0.80 9.44
CA ARG B 34 23.73 1.81 10.11
C ARG B 34 23.66 3.09 9.31
N LEU B 35 22.61 3.84 9.54
CA LEU B 35 22.42 5.13 8.91
C LEU B 35 23.66 6.03 9.01
N GLN B 36 23.97 6.69 7.90
CA GLN B 36 24.93 7.79 7.85
C GLN B 36 24.22 9.08 7.55
N ASP B 37 24.00 9.89 8.58
CA ASP B 37 23.26 11.13 8.39
C ASP B 37 24.06 12.25 7.76
N ASP B 38 25.34 12.03 7.43
CA ASP B 38 26.20 13.02 6.79
C ASP B 38 26.36 14.24 7.69
N SER B 39 26.19 14.02 9.00
CA SER B 39 26.19 15.09 9.99
C SER B 39 25.07 16.10 9.82
N VAL B 40 24.07 15.79 9.01
CA VAL B 40 22.97 16.73 8.76
C VAL B 40 21.64 16.12 9.19
N GLU B 41 21.14 16.56 10.34
CA GLU B 41 19.93 15.99 10.94
C GLU B 41 18.62 16.60 10.48
N THR B 42 17.72 15.81 9.93
CA THR B 42 16.38 16.25 9.76
C THR B 42 15.50 15.27 10.48
N VAL B 43 14.20 15.54 10.45
CA VAL B 43 13.25 14.66 11.08
C VAL B 43 13.39 13.26 10.48
N THR B 44 13.53 13.20 9.16
CA THR B 44 13.74 11.92 8.50
C THR B 44 14.87 11.06 9.11
N SER B 45 16.03 11.62 9.39
CA SER B 45 17.10 10.82 9.99
C SER B 45 16.93 10.57 11.51
N ILE B 46 16.43 11.55 12.24
CA ILE B 46 16.13 11.37 13.64
C ILE B 46 15.22 10.17 13.84
N GLU B 47 14.15 10.14 13.06
CA GLU B 47 13.22 9.00 13.11
C GLU B 47 13.85 7.64 12.69
N GLN B 48 14.70 7.64 11.68
CA GLN B 48 15.28 6.41 11.16
C GLN B 48 16.26 5.85 12.20
N ALA B 49 17.03 6.74 12.80
CA ALA B 49 17.93 6.35 13.88
C ALA B 49 17.17 5.85 15.11
N LYS B 50 16.05 6.48 15.47
CA LYS B 50 15.25 5.96 16.57
C LYS B 50 14.92 4.44 16.39
N VAL B 51 14.36 4.12 15.21
CA VAL B 51 14.08 2.74 14.77
C VAL B 51 15.36 1.86 14.74
N GLU B 52 16.39 2.26 14.04
CA GLU B 52 17.59 1.42 13.93
C GLU B 52 18.20 1.07 15.29
N GLU B 53 18.27 2.06 16.17
CA GLU B 53 18.75 1.83 17.54
C GLU B 53 17.89 0.77 18.20
N LYS B 54 16.56 0.90 18.09
CA LYS B 54 15.61 -0.09 18.65
C LYS B 54 15.73 -1.50 18.05
N ILE B 55 15.97 -1.60 16.76
CA ILE B 55 16.20 -2.85 16.08
C ILE B 55 17.55 -3.44 16.51
N GLN B 56 18.54 -2.59 16.79
CA GLN B 56 19.84 -3.09 17.29
C GLN B 56 19.73 -3.78 18.65
N GLU B 57 18.98 -3.18 19.56
CA GLU B 57 18.59 -3.86 20.79
C GLU B 57 18.06 -5.25 20.46
N VAL B 58 17.01 -5.34 19.66
CA VAL B 58 16.41 -6.64 19.34
C VAL B 58 17.48 -7.61 18.82
N PHE B 59 18.35 -7.17 17.94
CA PHE B 59 19.42 -8.03 17.46
C PHE B 59 20.37 -8.48 18.59
N SER B 60 20.88 -7.54 19.39
CA SER B 60 21.66 -7.85 20.60
C SER B 60 20.95 -8.75 21.61
N SER B 61 19.65 -8.63 21.75
CA SER B 61 18.94 -9.51 22.67
C SER B 61 19.09 -11.00 22.30
N TYR B 62 19.24 -11.33 21.01
CA TYR B 62 19.41 -12.74 20.56
C TYR B 62 20.83 -13.22 20.84
N LYS B 63 21.72 -12.24 20.84
CA LYS B 63 23.16 -12.43 20.95
C LYS B 63 23.66 -12.10 22.40
N PHE B 64 23.09 -12.76 23.40
CA PHE B 64 23.54 -12.62 24.80
C PHE B 64 23.76 -14.06 25.28
N ASN B 65 22.69 -14.87 25.08
CA ASN B 65 22.77 -16.32 24.96
C ASN B 65 22.29 -16.64 23.53
N HIS B 66 23.23 -17.10 22.70
CA HIS B 66 23.01 -18.01 21.56
C HIS B 66 21.51 -18.32 21.17
N ARG B 70 17.85 -21.28 16.88
CA ARG B 70 17.31 -20.36 17.86
C ARG B 70 16.37 -19.30 17.21
N LEU B 71 15.77 -19.57 16.04
CA LEU B 71 14.77 -18.65 15.39
C LEU B 71 13.47 -19.36 15.05
N VAL B 72 12.43 -18.86 15.68
CA VAL B 72 11.21 -19.61 15.84
C VAL B 72 9.95 -18.79 15.62
N LEU B 73 9.18 -19.19 14.64
CA LEU B 73 7.85 -18.68 14.46
C LEU B 73 6.94 -19.31 15.53
N GLN B 74 6.55 -18.51 16.50
CA GLN B 74 5.62 -18.92 17.53
C GLN B 74 4.24 -19.21 16.95
N ARG B 75 4.16 -20.27 16.14
CA ARG B 75 2.91 -20.71 15.52
C ARG B 75 1.78 -20.88 16.49
N GLU B 76 2.05 -21.58 17.56
CA GLU B 76 1.03 -21.95 18.55
C GLU B 76 0.38 -20.65 19.14
N LYS B 77 1.21 -19.67 19.46
CA LYS B 77 0.71 -18.39 19.97
C LYS B 77 -0.08 -17.66 18.88
N HIS B 78 0.44 -17.62 17.65
CA HIS B 78 -0.28 -16.93 16.56
C HIS B 78 -1.66 -17.54 16.35
N PHE B 79 -1.71 -18.85 16.40
CA PHE B 79 -2.95 -19.58 16.21
C PHE B 79 -4.02 -19.22 17.24
N HIS B 80 -3.64 -19.11 18.50
CA HIS B 80 -4.57 -18.78 19.57
C HIS B 80 -5.17 -17.39 19.31
N TYR B 81 -4.30 -16.44 19.01
CA TYR B 81 -4.68 -15.09 18.60
C TYR B 81 -5.69 -15.10 17.49
N LEU B 82 -5.43 -15.87 16.47
CA LEU B 82 -6.28 -15.87 15.32
C LEU B 82 -7.64 -16.54 15.60
N LYS B 83 -7.56 -17.72 16.23
CA LYS B 83 -8.74 -18.58 16.49
C LYS B 83 -9.81 -17.86 17.31
N ARG B 84 -9.35 -17.01 18.20
CA ARG B 84 -10.16 -16.24 19.10
C ARG B 84 -10.72 -15.03 18.40
N GLY B 85 -9.85 -14.30 17.76
CA GLY B 85 -10.27 -13.19 16.92
C GLY B 85 -11.30 -13.54 15.90
N LEU B 86 -11.21 -14.72 15.31
CA LEU B 86 -12.14 -15.06 14.24
C LEU B 86 -13.60 -15.12 14.72
N ARG B 87 -13.75 -15.29 16.03
CA ARG B 87 -15.06 -15.46 16.67
C ARG B 87 -15.53 -14.20 17.38
N GLN B 88 -14.67 -13.65 18.21
CA GLN B 88 -15.11 -12.56 19.03
C GLN B 88 -14.05 -11.51 19.33
N LEU B 89 -14.49 -10.25 19.31
CA LEU B 89 -13.62 -9.11 19.51
C LEU B 89 -14.21 -8.11 20.48
N THR B 90 -13.36 -7.53 21.31
CA THR B 90 -13.80 -6.49 22.22
C THR B 90 -14.13 -5.23 21.44
N ASP B 91 -14.77 -4.32 22.15
CA ASP B 91 -15.01 -2.97 21.66
C ASP B 91 -13.76 -2.13 21.35
N ALA B 92 -12.59 -2.64 21.68
CA ALA B 92 -11.40 -2.07 21.09
C ALA B 92 -11.58 -2.04 19.59
N TYR B 93 -12.39 -2.92 19.03
CA TYR B 93 -12.53 -3.04 17.57
C TYR B 93 -13.73 -2.34 16.93
N GLU B 94 -14.32 -1.40 17.66
CA GLU B 94 -15.44 -0.65 17.14
C GLU B 94 -15.05 0.04 15.84
N CYS B 95 -13.81 0.50 15.75
CA CYS B 95 -13.37 1.16 14.54
C CYS B 95 -13.13 0.26 13.29
N LEU B 96 -13.19 -1.06 13.42
CA LEU B 96 -13.22 -1.96 12.25
C LEU B 96 -14.65 -2.49 11.94
N ASP B 97 -15.64 -1.84 12.53
CA ASP B 97 -17.04 -2.27 12.36
C ASP B 97 -17.47 -2.17 10.90
N ALA B 98 -16.75 -1.34 10.12
CA ALA B 98 -16.98 -1.24 8.66
C ALA B 98 -15.93 -1.98 7.81
N SER B 99 -15.22 -2.94 8.41
CA SER B 99 -14.14 -3.66 7.70
C SER B 99 -14.10 -5.12 8.11
N ARG B 100 -15.28 -5.71 8.31
CA ARG B 100 -15.32 -7.03 8.93
C ARG B 100 -14.90 -8.19 7.96
N PRO B 101 -15.26 -8.07 6.66
CA PRO B 101 -14.70 -9.08 5.72
C PRO B 101 -13.18 -8.99 5.63
N TRP B 102 -12.60 -7.82 5.91
CA TRP B 102 -11.14 -7.74 5.97
C TRP B 102 -10.61 -8.62 7.11
N LEU B 103 -11.30 -8.54 8.24
CA LEU B 103 -10.94 -9.39 9.38
C LEU B 103 -11.08 -10.88 9.03
N CYS B 104 -12.16 -11.25 8.32
CA CYS B 104 -12.25 -12.67 7.90
C CYS B 104 -11.03 -12.99 7.00
N TYR B 105 -10.75 -12.17 6.00
CA TYR B 105 -9.71 -12.50 5.04
C TYR B 105 -8.42 -12.51 5.79
N TRP B 106 -8.17 -11.50 6.62
CA TRP B 106 -6.80 -11.46 7.19
C TRP B 106 -6.53 -12.70 8.07
N ILE B 107 -7.54 -13.09 8.83
CA ILE B 107 -7.41 -14.18 9.77
C ILE B 107 -7.38 -15.54 9.09
N LEU B 108 -8.33 -15.75 8.18
CA LEU B 108 -8.34 -16.98 7.38
C LEU B 108 -7.03 -17.14 6.65
N HIS B 109 -6.58 -16.09 5.98
CA HIS B 109 -5.34 -16.22 5.23
C HIS B 109 -4.19 -16.54 6.15
N SER B 110 -4.15 -15.92 7.33
CA SER B 110 -3.04 -16.17 8.23
C SER B 110 -3.04 -17.64 8.68
N LEU B 111 -4.24 -18.20 8.91
CA LEU B 111 -4.44 -19.60 9.32
C LEU B 111 -4.01 -20.54 8.22
N GLU B 112 -4.38 -20.18 7.00
CA GLU B 112 -4.00 -20.88 5.80
C GLU B 112 -2.49 -20.92 5.66
N LEU B 113 -1.79 -19.84 5.86
CA LEU B 113 -0.31 -19.88 5.76
C LEU B 113 0.25 -20.72 6.87
N LEU B 114 -0.41 -20.76 8.00
CA LEU B 114 0.11 -21.52 9.14
C LEU B 114 -0.28 -22.99 9.01
N ASP B 115 -0.89 -23.35 7.88
CA ASP B 115 -1.36 -24.71 7.63
C ASP B 115 -2.38 -25.16 8.67
N GLU B 116 -3.18 -24.23 9.18
CA GLU B 116 -4.24 -24.58 10.12
C GLU B 116 -5.56 -24.84 9.47
N PRO B 117 -6.08 -26.04 9.68
CA PRO B 117 -7.28 -26.30 8.91
C PRO B 117 -8.45 -25.56 9.57
N ILE B 118 -9.39 -25.12 8.78
CA ILE B 118 -10.50 -24.35 9.25
C ILE B 118 -11.72 -25.26 9.42
N PRO B 119 -12.21 -25.43 10.66
CA PRO B 119 -13.39 -26.29 10.93
C PRO B 119 -14.62 -26.03 10.02
N GLN B 120 -15.40 -27.08 9.67
CA GLN B 120 -16.64 -26.93 8.84
C GLN B 120 -17.59 -25.87 9.43
N ILE B 121 -17.64 -25.75 10.75
CA ILE B 121 -18.61 -24.86 11.39
C ILE B 121 -18.15 -23.41 11.37
N VAL B 122 -16.84 -23.20 11.41
CA VAL B 122 -16.30 -21.85 11.29
C VAL B 122 -16.50 -21.38 9.87
N ALA B 123 -16.09 -22.23 8.94
CA ALA B 123 -16.24 -21.97 7.50
C ALA B 123 -17.64 -21.60 7.12
N THR B 124 -18.60 -22.33 7.67
CA THR B 124 -20.00 -22.12 7.32
C THR B 124 -20.52 -20.80 7.85
N ASP B 125 -20.17 -20.50 9.10
CA ASP B 125 -20.47 -19.23 9.76
C ASP B 125 -19.92 -18.01 8.99
N VAL B 126 -18.72 -18.13 8.42
CA VAL B 126 -18.14 -17.08 7.62
C VAL B 126 -18.93 -16.93 6.36
N CYS B 127 -19.36 -18.04 5.77
CA CYS B 127 -20.13 -17.97 4.53
C CYS B 127 -21.37 -17.23 4.75
N GLN B 128 -22.04 -17.55 5.83
CA GLN B 128 -23.31 -16.94 6.19
C GLN B 128 -23.14 -15.50 6.56
N PHE B 129 -22.08 -15.19 7.28
CA PHE B 129 -21.76 -13.82 7.58
C PHE B 129 -21.52 -12.98 6.30
N LEU B 130 -20.67 -13.50 5.41
CA LEU B 130 -20.29 -12.75 4.23
C LEU B 130 -21.50 -12.61 3.34
N GLU B 131 -22.39 -13.57 3.38
CA GLU B 131 -23.68 -13.46 2.76
C GLU B 131 -24.52 -12.28 3.26
N LEU B 132 -24.53 -12.02 4.55
CA LEU B 132 -25.23 -10.84 5.04
C LEU B 132 -24.50 -9.54 4.70
N CYS B 133 -23.19 -9.60 4.46
CA CYS B 133 -22.49 -8.40 4.04
C CYS B 133 -22.71 -8.13 2.56
N GLN B 134 -23.28 -9.08 1.84
CA GLN B 134 -23.40 -8.93 0.40
C GLN B 134 -24.55 -7.95 0.06
N SER B 135 -24.30 -6.91 -0.74
CA SER B 135 -25.40 -6.00 -1.15
C SER B 135 -26.33 -6.55 -2.24
N PRO B 136 -27.59 -6.16 -2.20
CA PRO B 136 -28.50 -6.59 -3.26
C PRO B 136 -28.15 -5.91 -4.57
N ASP B 137 -27.45 -4.76 -4.47
CA ASP B 137 -26.86 -4.04 -5.62
C ASP B 137 -25.63 -4.77 -6.22
N GLY B 138 -25.22 -5.83 -5.51
CA GLY B 138 -23.99 -6.57 -5.78
C GLY B 138 -22.77 -6.08 -5.00
N GLY B 139 -21.78 -6.93 -4.91
CA GLY B 139 -20.66 -6.60 -4.04
C GLY B 139 -20.91 -6.79 -2.55
N PHE B 140 -19.90 -6.46 -1.76
CA PHE B 140 -20.01 -6.66 -0.31
C PHE B 140 -19.72 -5.40 0.44
N GLY B 141 -20.30 -5.25 1.61
CA GLY B 141 -20.00 -4.11 2.49
C GLY B 141 -19.23 -4.47 3.75
N GLY B 142 -18.89 -3.46 4.53
CA GLY B 142 -18.07 -3.66 5.72
C GLY B 142 -18.71 -4.48 6.81
N GLY B 143 -20.03 -4.63 6.70
CA GLY B 143 -20.82 -5.47 7.60
C GLY B 143 -22.27 -5.55 7.10
N PRO B 144 -23.12 -6.31 7.81
CA PRO B 144 -24.50 -6.50 7.37
C PRO B 144 -25.22 -5.20 7.23
N GLY B 145 -25.78 -4.99 6.05
CA GLY B 145 -26.56 -3.82 5.75
C GLY B 145 -25.80 -2.60 5.37
N GLN B 146 -24.46 -2.64 5.38
CA GLN B 146 -23.63 -1.53 4.94
C GLN B 146 -23.63 -1.59 3.43
N TYR B 147 -23.40 -0.43 2.82
CA TYR B 147 -23.27 -0.33 1.38
C TYR B 147 -22.02 -1.08 0.89
N PRO B 148 -22.08 -1.56 -0.37
CA PRO B 148 -20.96 -2.25 -0.95
C PRO B 148 -19.78 -1.30 -1.21
N HIS B 149 -18.58 -1.88 -1.26
CA HIS B 149 -17.33 -1.13 -1.34
C HIS B 149 -16.32 -2.16 -1.87
N LEU B 150 -15.43 -1.70 -2.75
CA LEU B 150 -14.43 -2.59 -3.40
C LEU B 150 -13.52 -3.28 -2.45
N ALA B 151 -13.17 -2.66 -1.34
CA ALA B 151 -12.22 -3.31 -0.45
C ALA B 151 -12.77 -4.57 0.30
N PRO B 152 -13.90 -4.42 1.02
CA PRO B 152 -14.52 -5.62 1.60
C PRO B 152 -15.01 -6.62 0.55
N THR B 153 -15.33 -6.11 -0.66
CA THR B 153 -15.68 -6.98 -1.81
C THR B 153 -14.47 -7.88 -2.13
N TYR B 154 -13.34 -7.23 -2.25
CA TYR B 154 -12.11 -7.96 -2.44
C TYR B 154 -11.81 -8.95 -1.32
N ALA B 155 -12.05 -8.54 -0.09
CA ALA B 155 -11.64 -9.35 1.06
C ALA B 155 -12.56 -10.52 1.18
N ALA B 156 -13.83 -10.29 0.91
CA ALA B 156 -14.87 -11.29 1.12
C ALA B 156 -14.66 -12.36 0.08
N VAL B 157 -14.49 -11.95 -1.19
CA VAL B 157 -14.23 -12.96 -2.22
C VAL B 157 -12.96 -13.76 -1.92
N ASN B 158 -11.90 -13.11 -1.43
CA ASN B 158 -10.70 -13.86 -1.09
C ASN B 158 -11.03 -14.83 0.07
N ALA B 159 -11.72 -14.35 1.10
CA ALA B 159 -12.04 -15.21 2.24
C ALA B 159 -12.82 -16.43 1.71
N LEU B 160 -13.78 -16.15 0.81
CA LEU B 160 -14.61 -17.21 0.25
C LEU B 160 -13.76 -18.21 -0.55
N CYS B 161 -12.73 -17.73 -1.21
CA CYS B 161 -11.87 -18.65 -1.95
C CYS B 161 -11.00 -19.49 -1.05
N ILE B 162 -10.50 -18.91 0.01
CA ILE B 162 -9.67 -19.63 0.97
C ILE B 162 -10.48 -20.79 1.54
N ILE B 163 -11.75 -20.53 1.87
CA ILE B 163 -12.65 -21.60 2.31
C ILE B 163 -12.76 -22.65 1.19
N GLY B 164 -13.00 -22.20 -0.02
CA GLY B 164 -12.89 -23.10 -1.16
C GLY B 164 -14.01 -24.12 -1.40
N THR B 165 -15.04 -24.11 -0.57
CA THR B 165 -16.15 -25.02 -0.72
C THR B 165 -17.17 -24.47 -1.69
N GLU B 166 -18.10 -25.33 -2.03
CA GLU B 166 -19.12 -25.04 -3.01
C GLU B 166 -20.13 -24.14 -2.35
N GLU B 167 -20.36 -24.32 -1.07
CA GLU B 167 -21.16 -23.37 -0.32
C GLU B 167 -20.61 -21.94 -0.47
N ALA B 168 -19.29 -21.83 -0.41
CA ALA B 168 -18.63 -20.56 -0.32
C ALA B 168 -18.66 -19.96 -1.68
N TYR B 169 -18.33 -20.74 -2.70
CA TYR B 169 -18.34 -20.17 -4.05
C TYR B 169 -19.71 -19.63 -4.35
N ASN B 170 -20.76 -20.32 -3.93
CA ASN B 170 -22.12 -19.92 -4.27
C ASN B 170 -22.68 -18.70 -3.54
N VAL B 171 -22.04 -18.29 -2.46
CA VAL B 171 -22.44 -17.07 -1.80
C VAL B 171 -22.42 -15.93 -2.81
N ILE B 172 -21.48 -15.96 -3.77
CA ILE B 172 -21.25 -14.84 -4.68
C ILE B 172 -22.27 -14.79 -5.81
N ASN B 173 -23.05 -13.73 -5.75
CA ASN B 173 -23.83 -13.27 -6.86
C ASN B 173 -22.97 -12.57 -7.92
N ARG B 174 -22.65 -13.33 -8.96
CA ARG B 174 -21.76 -12.90 -10.01
C ARG B 174 -22.31 -11.81 -10.94
N GLU B 175 -23.62 -11.86 -11.19
CA GLU B 175 -24.25 -10.94 -12.14
C GLU B 175 -24.41 -9.58 -11.55
N LYS B 176 -24.69 -9.57 -10.25
CA LYS B 176 -24.81 -8.32 -9.53
C LYS B 176 -23.44 -7.74 -9.24
N LEU B 177 -22.48 -8.66 -9.05
CA LEU B 177 -21.09 -8.28 -8.88
C LEU B 177 -20.60 -7.48 -10.09
N LEU B 178 -20.91 -7.95 -11.29
CA LEU B 178 -20.52 -7.28 -12.53
C LEU B 178 -21.22 -5.92 -12.66
N GLN B 179 -22.51 -5.91 -12.42
CA GLN B 179 -23.26 -4.67 -12.44
C GLN B 179 -22.65 -3.70 -11.51
N TYR B 180 -22.42 -4.17 -10.27
CA TYR B 180 -21.77 -3.38 -9.25
C TYR B 180 -20.44 -2.79 -9.74
N LEU B 181 -19.56 -3.62 -10.34
CA LEU B 181 -18.30 -3.12 -10.97
C LEU B 181 -18.55 -2.10 -12.08
N TYR B 182 -19.60 -2.34 -12.88
CA TYR B 182 -19.93 -1.43 -14.00
C TYR B 182 -20.24 -0.06 -13.43
N SER B 183 -20.91 -0.04 -12.28
CA SER B 183 -21.33 1.20 -11.64
C SER B 183 -20.19 2.03 -11.14
N LEU B 184 -19.05 1.39 -10.85
CA LEU B 184 -17.89 2.07 -10.33
C LEU B 184 -16.97 2.55 -11.42
N LYS B 185 -17.09 1.97 -12.62
CA LYS B 185 -16.11 2.18 -13.70
C LYS B 185 -16.15 3.60 -14.24
N GLN B 186 -14.99 4.23 -14.42
CA GLN B 186 -14.91 5.61 -14.88
C GLN B 186 -14.52 5.74 -16.35
N PRO B 187 -14.86 6.90 -16.96
CA PRO B 187 -14.58 7.07 -18.36
C PRO B 187 -13.09 6.84 -18.61
N ASP B 188 -12.22 7.39 -17.75
CA ASP B 188 -10.76 7.30 -17.96
C ASP B 188 -10.11 6.00 -17.53
N GLY B 189 -10.89 4.95 -17.28
CA GLY B 189 -10.33 3.60 -16.98
C GLY B 189 -10.18 3.20 -15.50
N SER B 190 -10.29 4.20 -14.60
CA SER B 190 -10.17 4.01 -13.17
C SER B 190 -11.46 3.47 -12.61
N PHE B 191 -11.42 3.08 -11.33
CA PHE B 191 -12.64 2.71 -10.61
C PHE B 191 -12.80 3.48 -9.32
N LEU B 192 -14.06 3.79 -9.05
CA LEU B 192 -14.46 4.30 -7.76
C LEU B 192 -14.31 3.18 -6.76
N MET B 193 -13.94 3.56 -5.56
CA MET B 193 -13.77 2.61 -4.52
C MET B 193 -15.16 2.14 -4.04
N HIS B 194 -16.13 3.04 -4.16
CA HIS B 194 -17.53 2.79 -3.82
C HIS B 194 -18.37 3.90 -4.48
N VAL B 195 -19.68 3.71 -4.51
CA VAL B 195 -20.56 4.73 -5.11
C VAL B 195 -20.45 6.08 -4.35
N GLY B 196 -20.27 7.18 -5.06
CA GLY B 196 -19.99 8.43 -4.40
C GLY B 196 -18.59 8.43 -3.81
N GLY B 197 -17.80 7.42 -4.22
CA GLY B 197 -16.49 7.24 -3.64
C GLY B 197 -15.41 7.89 -4.45
N GLU B 198 -14.20 7.66 -3.95
CA GLU B 198 -12.85 8.11 -4.35
CA GLU B 198 -13.02 8.23 -4.66
C GLU B 198 -12.22 7.15 -5.37
N VAL B 199 -11.24 7.61 -6.18
CA VAL B 199 -10.41 6.65 -6.91
C VAL B 199 -8.98 6.72 -6.46
N ASP B 200 -8.38 5.52 -6.47
CA ASP B 200 -6.97 5.29 -6.52
C ASP B 200 -6.74 3.89 -7.10
N VAL B 201 -5.50 3.54 -7.34
CA VAL B 201 -5.21 2.22 -7.89
C VAL B 201 -5.83 1.04 -7.15
N ARG B 202 -6.10 1.17 -5.84
CA ARG B 202 -6.64 0.03 -5.11
C ARG B 202 -7.89 -0.48 -5.81
N SER B 203 -8.76 0.41 -6.27
CA SER B 203 -10.03 -0.07 -6.83
C SER B 203 -9.78 -0.95 -8.06
N ALA B 204 -8.81 -0.57 -8.84
CA ALA B 204 -8.45 -1.32 -10.02
C ALA B 204 -8.01 -2.74 -9.67
N TYR B 205 -7.11 -2.85 -8.71
CA TYR B 205 -6.68 -4.17 -8.26
C TYR B 205 -7.87 -4.98 -7.71
N CYS B 206 -8.63 -4.43 -6.77
CA CYS B 206 -9.80 -5.11 -6.23
C CYS B 206 -10.76 -5.60 -7.30
N ALA B 207 -11.09 -4.71 -8.23
CA ALA B 207 -11.97 -5.07 -9.32
C ALA B 207 -11.35 -6.24 -10.12
N ALA B 208 -10.10 -6.10 -10.58
CA ALA B 208 -9.47 -7.16 -11.37
C ALA B 208 -9.40 -8.52 -10.63
N SER B 209 -8.98 -8.46 -9.37
CA SER B 209 -8.83 -9.64 -8.53
C SER B 209 -10.12 -10.43 -8.46
N VAL B 210 -11.15 -9.67 -8.16
CA VAL B 210 -12.48 -10.19 -7.96
C VAL B 210 -13.08 -10.71 -9.29
N ALA B 211 -12.91 -9.92 -10.35
CA ALA B 211 -13.51 -10.19 -11.65
C ALA B 211 -12.85 -11.42 -12.26
N SER B 212 -11.53 -11.52 -12.09
CA SER B 212 -10.81 -12.61 -12.66
C SER B 212 -11.15 -13.86 -11.87
N LEU B 213 -10.94 -13.90 -10.57
CA LEU B 213 -11.36 -15.11 -9.82
C LEU B 213 -12.78 -15.62 -10.16
N THR B 214 -13.78 -14.72 -10.30
CA THR B 214 -15.18 -15.16 -10.52
C THR B 214 -15.59 -15.35 -11.99
N ASN B 215 -14.63 -15.15 -12.90
CA ASN B 215 -14.85 -15.32 -14.32
C ASN B 215 -15.99 -14.44 -14.81
N ILE B 216 -15.92 -13.16 -14.50
CA ILE B 216 -16.92 -12.21 -14.96
C ILE B 216 -16.30 -11.10 -15.83
N ILE B 217 -15.11 -11.30 -16.36
CA ILE B 217 -14.49 -10.22 -17.14
C ILE B 217 -15.07 -10.20 -18.55
N THR B 218 -15.44 -9.00 -18.99
CA THR B 218 -16.01 -8.76 -20.29
C THR B 218 -14.98 -8.00 -21.12
N PRO B 219 -15.15 -7.99 -22.46
CA PRO B 219 -14.39 -7.14 -23.38
C PRO B 219 -14.05 -5.75 -22.86
N ASP B 220 -15.05 -5.08 -22.36
CA ASP B 220 -14.93 -3.65 -22.12
C ASP B 220 -14.85 -3.30 -20.64
N LEU B 221 -14.80 -4.30 -19.75
CA LEU B 221 -14.80 -4.01 -18.31
C LEU B 221 -13.58 -3.22 -17.87
N PHE B 222 -12.39 -3.69 -18.26
CA PHE B 222 -11.12 -3.05 -17.89
C PHE B 222 -10.50 -2.19 -18.98
N GLU B 223 -11.37 -1.69 -19.81
CA GLU B 223 -10.94 -0.85 -20.87
C GLU B 223 -10.45 0.49 -20.34
N GLY B 224 -9.19 0.81 -20.63
CA GLY B 224 -8.61 2.10 -20.25
C GLY B 224 -7.80 1.92 -19.00
N THR B 225 -8.11 0.84 -18.27
CA THR B 225 -7.61 0.61 -16.93
C THR B 225 -6.11 0.48 -16.97
N ALA B 226 -5.61 -0.41 -17.79
CA ALA B 226 -4.16 -0.58 -17.93
C ALA B 226 -3.42 0.74 -18.19
N GLU B 227 -4.02 1.59 -19.01
CA GLU B 227 -3.38 2.84 -19.36
C GLU B 227 -3.44 3.78 -18.16
N TRP B 228 -4.57 3.69 -17.43
CA TRP B 228 -4.76 4.43 -16.18
C TRP B 228 -3.71 3.99 -15.14
N ILE B 229 -3.57 2.70 -14.94
CA ILE B 229 -2.63 2.23 -13.92
C ILE B 229 -1.25 2.69 -14.29
N ALA B 230 -0.94 2.57 -15.58
CA ALA B 230 0.37 3.01 -16.10
C ALA B 230 0.66 4.46 -15.84
N ARG B 231 -0.36 5.32 -15.87
CA ARG B 231 -0.11 6.76 -15.66
C ARG B 231 0.20 7.04 -14.22
N CYS B 232 -0.04 6.04 -13.36
CA CYS B 232 0.32 6.11 -11.93
C CYS B 232 1.77 5.79 -11.64
N GLN B 233 2.48 5.11 -12.53
CA GLN B 233 3.93 4.93 -12.38
C GLN B 233 4.57 6.29 -12.56
N ASN B 234 5.54 6.66 -11.73
CA ASN B 234 6.07 8.03 -11.67
C ASN B 234 7.60 8.05 -11.84
N TRP B 235 8.23 9.19 -11.59
CA TRP B 235 9.67 9.35 -11.86
C TRP B 235 10.58 8.50 -10.99
N GLU B 236 10.03 7.96 -9.89
CA GLU B 236 10.80 7.08 -8.99
C GLU B 236 10.84 5.66 -9.51
N GLY B 237 9.94 5.32 -10.41
CA GLY B 237 9.81 3.92 -10.89
C GLY B 237 8.63 3.18 -10.28
N GLY B 238 8.32 3.45 -9.01
CA GLY B 238 7.11 2.91 -8.38
C GLY B 238 5.82 3.57 -8.86
N ILE B 239 4.71 3.09 -8.33
CA ILE B 239 3.41 3.64 -8.68
C ILE B 239 2.81 4.35 -7.46
N GLY B 240 2.16 5.48 -7.68
CA GLY B 240 1.48 6.24 -6.63
C GLY B 240 -0.04 5.97 -6.71
N GLY B 241 -0.83 6.50 -5.79
CA GLY B 241 -2.19 6.02 -5.67
C GLY B 241 -3.03 6.53 -6.80
N VAL B 242 -2.62 7.71 -7.27
CA VAL B 242 -3.21 8.33 -8.46
C VAL B 242 -2.12 9.07 -9.21
N PRO B 243 -2.28 9.26 -10.54
CA PRO B 243 -1.24 9.91 -11.34
C PRO B 243 -0.74 11.14 -10.63
N GLY B 244 0.57 11.20 -10.41
CA GLY B 244 1.23 12.42 -9.88
C GLY B 244 1.72 12.19 -8.48
N MET B 245 1.20 11.12 -7.86
CA MET B 245 1.50 10.93 -6.46
C MET B 245 2.76 10.11 -6.30
N GLU B 246 3.38 10.32 -5.14
CA GLU B 246 4.53 9.57 -4.63
C GLU B 246 4.30 8.09 -4.71
N ALA B 247 5.36 7.42 -5.14
CA ALA B 247 5.39 6.01 -5.29
C ALA B 247 5.26 5.36 -3.92
N HIS B 248 4.40 4.34 -3.81
CA HIS B 248 4.19 3.63 -2.56
C HIS B 248 3.94 2.16 -2.77
N GLY B 249 4.55 1.36 -1.89
CA GLY B 249 4.44 -0.08 -1.90
C GLY B 249 3.01 -0.62 -2.10
N GLY B 250 2.05 -0.11 -1.36
CA GLY B 250 0.72 -0.70 -1.40
C GLY B 250 0.07 -0.48 -2.72
N TYR B 251 0.20 0.75 -3.18
CA TYR B 251 -0.38 1.14 -4.47
C TYR B 251 0.45 0.50 -5.59
N THR B 252 1.76 0.41 -5.41
CA THR B 252 2.57 -0.26 -6.42
C THR B 252 2.22 -1.75 -6.49
N PHE B 253 2.08 -2.43 -5.35
CA PHE B 253 1.60 -3.81 -5.41
C PHE B 253 0.31 -3.88 -6.24
N CYS B 254 -0.62 -3.00 -5.90
CA CYS B 254 -1.97 -3.05 -6.49
C CYS B 254 -1.94 -2.83 -7.99
N GLY B 255 -1.12 -1.88 -8.42
CA GLY B 255 -1.06 -1.59 -9.83
C GLY B 255 -0.49 -2.77 -10.61
N LEU B 256 0.72 -3.18 -10.25
CA LEU B 256 1.38 -4.26 -10.95
C LEU B 256 0.55 -5.53 -10.99
N ALA B 257 -0.06 -5.88 -9.87
CA ALA B 257 -0.82 -7.12 -9.75
C ALA B 257 -2.07 -7.01 -10.63
N ALA B 258 -2.65 -5.83 -10.65
CA ALA B 258 -3.79 -5.57 -11.50
C ALA B 258 -3.38 -5.70 -12.99
N LEU B 259 -2.23 -5.17 -13.36
CA LEU B 259 -1.76 -5.38 -14.72
C LEU B 259 -1.49 -6.85 -15.01
N VAL B 260 -0.81 -7.55 -14.10
CA VAL B 260 -0.55 -8.95 -14.31
C VAL B 260 -1.85 -9.73 -14.58
N ILE B 261 -2.93 -9.39 -13.90
CA ILE B 261 -4.22 -10.12 -14.11
C ILE B 261 -4.72 -9.92 -15.55
N LEU B 262 -4.78 -8.64 -15.91
CA LEU B 262 -5.12 -8.15 -17.24
C LEU B 262 -4.08 -8.49 -18.32
N LYS B 263 -2.93 -8.99 -17.88
CA LYS B 263 -1.85 -9.38 -18.79
C LYS B 263 -1.22 -8.20 -19.53
N LYS B 264 -1.37 -6.98 -19.01
CA LYS B 264 -0.79 -5.80 -19.67
C LYS B 264 0.33 -5.19 -18.82
N GLU B 265 1.18 -6.04 -18.20
CA GLU B 265 2.31 -5.56 -17.33
C GLU B 265 3.31 -4.69 -18.05
N ARG B 266 3.31 -4.82 -19.36
CA ARG B 266 4.36 -4.28 -20.19
C ARG B 266 4.08 -2.79 -20.48
N SER B 267 2.86 -2.38 -20.20
CA SER B 267 2.50 -0.96 -20.13
C SER B 267 3.43 -0.21 -19.23
N LEU B 268 3.95 -0.86 -18.20
CA LEU B 268 4.80 -0.19 -17.25
C LEU B 268 6.20 -0.29 -17.68
N ASN B 269 7.01 0.63 -17.20
CA ASN B 269 8.43 0.49 -17.31
C ASN B 269 8.96 -0.40 -16.19
N LEU B 270 9.28 -1.66 -16.50
CA LEU B 270 9.60 -2.65 -15.47
C LEU B 270 10.98 -2.51 -14.93
N LYS B 271 11.91 -2.04 -15.77
CA LYS B 271 13.31 -1.87 -15.32
C LYS B 271 13.36 -0.81 -14.23
N SER B 272 12.67 0.30 -14.40
CA SER B 272 12.63 1.32 -13.33
C SER B 272 11.81 0.84 -12.08
N LEU B 273 10.67 0.20 -12.33
CA LEU B 273 9.92 -0.39 -11.24
C LEU B 273 10.81 -1.33 -10.38
N LEU B 274 11.52 -2.25 -11.03
CA LEU B 274 12.52 -3.06 -10.34
C LEU B 274 13.54 -2.29 -9.52
N GLN B 275 14.11 -1.26 -10.13
CA GLN B 275 15.15 -0.51 -9.41
C GLN B 275 14.54 0.12 -8.13
N TRP B 276 13.28 0.53 -8.23
CA TRP B 276 12.60 1.16 -7.13
C TRP B 276 12.30 0.16 -6.00
N VAL B 277 11.66 -0.99 -6.29
CA VAL B 277 11.36 -1.92 -5.18
C VAL B 277 12.59 -2.38 -4.43
N THR B 278 13.57 -2.81 -5.21
CA THR B 278 14.77 -3.42 -4.68
C THR B 278 15.33 -2.45 -3.71
N SER B 279 15.27 -1.16 -4.08
CA SER B 279 15.75 -0.08 -3.22
C SER B 279 14.99 0.11 -1.92
N ARG B 280 13.74 -0.36 -1.85
CA ARG B 280 12.88 -0.24 -0.67
C ARG B 280 13.23 -1.17 0.50
N GLN B 281 13.99 -2.23 0.22
CA GLN B 281 14.54 -3.06 1.29
C GLN B 281 15.58 -2.30 2.13
N MET B 282 15.42 -2.32 3.44
CA MET B 282 16.30 -1.54 4.34
C MET B 282 17.56 -2.32 4.69
N ARG B 283 18.72 -1.71 4.39
CA ARG B 283 20.04 -2.31 4.61
C ARG B 283 20.28 -2.73 6.06
N PHE B 284 19.78 -1.94 7.02
CA PHE B 284 20.01 -2.30 8.41
C PHE B 284 18.90 -3.17 8.92
N GLU B 285 17.67 -2.69 8.86
CA GLU B 285 16.56 -3.42 9.46
C GLU B 285 16.32 -4.82 8.82
N GLY B 286 16.52 -4.94 7.51
CA GLY B 286 16.20 -6.19 6.79
C GLY B 286 14.84 -6.25 6.10
N GLY B 287 13.87 -5.50 6.64
CA GLY B 287 12.53 -5.48 6.11
C GLY B 287 12.43 -4.33 5.13
N PHE B 288 11.20 -4.10 4.67
CA PHE B 288 10.95 -3.07 3.67
C PHE B 288 10.21 -1.84 4.19
N GLN B 289 10.45 -0.71 3.53
CA GLN B 289 9.69 0.51 3.72
C GLN B 289 8.67 0.69 2.59
N GLY B 290 7.65 1.53 2.85
CA GLY B 290 6.54 1.74 1.91
C GLY B 290 6.86 2.71 0.78
N ARG B 291 7.72 3.65 1.10
CA ARG B 291 8.17 4.61 0.14
C ARG B 291 9.50 5.12 0.61
N CYS B 292 10.20 5.74 -0.31
CA CYS B 292 11.55 6.16 -0.04
C CYS B 292 11.71 7.10 1.14
N ASN B 293 12.74 6.89 1.94
CA ASN B 293 13.06 7.78 3.11
C ASN B 293 11.97 7.78 4.21
N LYS B 294 11.26 6.65 4.32
CA LYS B 294 10.32 6.42 5.40
C LYS B 294 10.73 5.14 6.09
N LEU B 295 9.91 4.66 7.01
CA LEU B 295 10.36 3.60 7.92
C LEU B 295 9.90 2.23 7.49
N VAL B 296 10.71 1.29 7.92
CA VAL B 296 10.48 -0.13 7.77
C VAL B 296 9.18 -0.48 8.44
N ASP B 297 8.47 -1.44 7.86
CA ASP B 297 7.22 -1.91 8.41
C ASP B 297 6.95 -3.27 7.79
N GLY B 298 6.65 -4.21 8.70
CA GLY B 298 6.37 -5.60 8.36
C GLY B 298 5.33 -5.92 7.30
N CYS B 299 4.31 -5.06 7.16
CA CYS B 299 3.30 -5.41 6.18
C CYS B 299 3.91 -5.32 4.81
N TYR B 300 4.92 -4.48 4.63
CA TYR B 300 5.53 -4.34 3.30
C TYR B 300 6.41 -5.54 2.97
N SER B 301 6.57 -6.44 3.93
CA SER B 301 7.15 -7.74 3.63
C SER B 301 6.31 -8.41 2.56
N PHE B 302 5.01 -8.12 2.52
CA PHE B 302 4.19 -8.59 1.41
C PHE B 302 4.06 -7.54 0.28
N TRP B 303 3.68 -6.30 0.59
CA TRP B 303 3.32 -5.39 -0.49
C TRP B 303 4.56 -5.08 -1.35
N GLN B 304 5.72 -4.85 -0.72
CA GLN B 304 6.96 -4.57 -1.51
C GLN B 304 7.57 -5.89 -2.04
N ALA B 305 7.96 -6.80 -1.17
CA ALA B 305 8.65 -7.98 -1.68
C ALA B 305 7.76 -8.84 -2.56
N GLY B 306 6.45 -8.74 -2.46
CA GLY B 306 5.60 -9.56 -3.34
C GLY B 306 5.72 -9.10 -4.78
N LEU B 307 6.26 -7.90 -4.99
CA LEU B 307 6.50 -7.39 -6.35
C LEU B 307 7.57 -8.17 -7.05
N LEU B 308 8.49 -8.79 -6.30
CA LEU B 308 9.59 -9.49 -6.94
C LEU B 308 9.13 -10.71 -7.71
N PRO B 309 8.36 -11.60 -7.12
CA PRO B 309 7.80 -12.66 -7.95
C PRO B 309 7.02 -12.16 -9.17
N LEU B 310 6.31 -11.04 -9.04
CA LEU B 310 5.47 -10.59 -10.15
C LEU B 310 6.36 -10.12 -11.33
N LEU B 311 7.47 -9.51 -10.95
CA LEU B 311 8.42 -8.99 -11.89
C LEU B 311 9.25 -10.11 -12.54
N HIS B 312 9.69 -11.05 -11.71
CA HIS B 312 10.29 -12.26 -12.21
C HIS B 312 9.38 -12.88 -13.27
N ARG B 313 8.11 -13.10 -12.98
CA ARG B 313 7.24 -13.69 -14.00
C ARG B 313 7.12 -12.85 -15.30
N ALA B 314 7.14 -11.53 -15.17
CA ALA B 314 6.96 -10.64 -16.28
C ALA B 314 8.20 -10.57 -17.14
N LEU B 315 9.36 -10.51 -16.50
CA LEU B 315 10.64 -10.44 -17.20
C LEU B 315 10.97 -11.78 -17.82
N HIS B 316 10.56 -12.83 -17.17
CA HIS B 316 10.70 -14.12 -17.77
C HIS B 316 9.85 -14.21 -19.04
N ALA B 317 8.58 -13.84 -18.99
CA ALA B 317 7.75 -13.77 -20.19
C ALA B 317 8.32 -12.90 -21.34
N GLN B 318 9.19 -11.95 -21.05
CA GLN B 318 9.79 -11.12 -22.08
C GLN B 318 11.12 -11.65 -22.58
N GLY B 319 11.52 -12.81 -22.06
CA GLY B 319 12.71 -13.51 -22.47
C GLY B 319 13.95 -13.21 -21.70
N ASP B 320 13.89 -12.52 -20.57
CA ASP B 320 15.11 -12.13 -19.86
C ASP B 320 16.07 -13.34 -19.57
N PRO B 321 17.30 -13.32 -20.12
CA PRO B 321 18.30 -14.37 -19.79
C PRO B 321 19.02 -14.27 -18.42
N ALA B 322 19.02 -13.12 -17.76
CA ALA B 322 19.85 -12.97 -16.55
C ALA B 322 19.12 -13.21 -15.17
N LEU B 323 17.85 -13.59 -15.20
CA LEU B 323 17.09 -13.85 -13.97
C LEU B 323 17.65 -15.00 -13.18
N SER B 324 17.81 -14.84 -11.87
CA SER B 324 18.22 -15.92 -11.00
C SER B 324 17.30 -17.09 -11.14
N MET B 325 17.81 -18.27 -10.81
CA MET B 325 16.97 -19.45 -10.84
C MET B 325 16.79 -20.16 -9.49
N SER B 326 17.26 -19.49 -8.46
CA SER B 326 17.07 -19.91 -7.09
C SER B 326 16.38 -18.86 -6.17
N HIS B 327 16.53 -17.57 -6.52
CA HIS B 327 16.16 -16.42 -5.70
C HIS B 327 15.44 -15.27 -6.45
N TRP B 328 14.50 -14.70 -5.71
CA TRP B 328 13.91 -13.42 -5.96
C TRP B 328 14.97 -12.32 -5.76
N MET B 329 14.72 -11.17 -6.36
CA MET B 329 15.72 -10.13 -6.37
C MET B 329 15.65 -9.20 -5.15
N PHE B 330 15.51 -9.85 -3.98
CA PHE B 330 15.72 -9.21 -2.67
C PHE B 330 16.47 -10.10 -1.71
N HIS B 331 16.87 -9.55 -0.54
CA HIS B 331 17.58 -10.34 0.43
C HIS B 331 16.51 -11.13 1.16
N GLN B 332 16.24 -12.35 0.70
CA GLN B 332 15.25 -13.23 1.31
C GLN B 332 15.63 -13.51 2.75
N GLN B 333 16.88 -13.91 2.96
CA GLN B 333 17.32 -14.22 4.31
C GLN B 333 17.07 -13.04 5.28
N ALA B 334 17.51 -11.84 4.90
CA ALA B 334 17.37 -10.67 5.76
C ALA B 334 15.93 -10.35 6.03
N LEU B 335 15.04 -10.57 5.07
CA LEU B 335 13.67 -10.23 5.32
C LEU B 335 13.08 -11.16 6.38
N GLN B 336 13.37 -12.45 6.27
CA GLN B 336 12.87 -13.45 7.23
C GLN B 336 13.44 -13.12 8.62
N GLU B 337 14.73 -12.80 8.69
CA GLU B 337 15.30 -12.39 9.94
C GLU B 337 14.54 -11.21 10.58
N TYR B 338 14.12 -10.23 9.76
CA TYR B 338 13.41 -9.06 10.29
C TYR B 338 12.08 -9.49 10.89
N ILE B 339 11.34 -10.30 10.16
CA ILE B 339 10.00 -10.67 10.53
C ILE B 339 10.06 -11.46 11.83
N LEU B 340 10.84 -12.56 11.84
CA LEU B 340 11.04 -13.44 12.98
C LEU B 340 11.58 -12.74 14.24
N MET B 341 12.63 -11.93 14.13
CA MET B 341 13.20 -11.28 15.31
C MET B 341 12.47 -10.04 15.74
N CYS B 342 11.89 -9.24 14.85
CA CYS B 342 11.25 -7.97 15.26
C CYS B 342 9.73 -7.84 15.22
N CYS B 343 9.07 -8.67 14.43
CA CYS B 343 7.65 -8.49 14.15
C CYS B 343 6.72 -9.52 14.79
N GLN B 344 7.26 -10.45 15.57
CA GLN B 344 6.41 -11.35 16.37
C GLN B 344 6.13 -10.80 17.72
N CYS B 345 4.87 -10.88 18.07
CA CYS B 345 4.48 -10.54 19.38
C CYS B 345 4.50 -11.81 20.23
N PRO B 346 5.10 -11.76 21.42
CA PRO B 346 5.29 -13.01 22.18
C PRO B 346 3.97 -13.64 22.61
N ALA B 347 2.97 -12.80 22.87
CA ALA B 347 1.58 -13.24 23.11
C ALA B 347 0.81 -13.77 21.87
N GLY B 348 1.40 -13.68 20.68
CA GLY B 348 0.73 -14.13 19.44
C GLY B 348 0.40 -12.94 18.56
N GLY B 349 0.16 -13.23 17.29
CA GLY B 349 -0.01 -12.15 16.32
C GLY B 349 1.32 -11.49 15.94
N LEU B 350 1.28 -10.64 14.90
CA LEU B 350 2.50 -9.98 14.39
C LEU B 350 2.34 -8.46 14.22
N LEU B 351 3.50 -7.80 14.15
CA LEU B 351 3.65 -6.37 14.23
C LEU B 351 4.21 -5.67 12.97
N ASP B 352 3.99 -4.36 12.90
CA ASP B 352 4.67 -3.47 11.98
C ASP B 352 6.17 -3.45 12.31
N LYS B 353 6.48 -2.95 13.50
CA LYS B 353 7.82 -3.03 14.03
C LYS B 353 7.79 -3.06 15.57
N PRO B 354 8.92 -3.32 16.24
CA PRO B 354 8.93 -3.43 17.69
C PRO B 354 8.52 -2.11 18.30
N GLY B 355 7.70 -2.18 19.34
CA GLY B 355 7.15 -0.99 19.98
C GLY B 355 5.70 -0.85 19.55
N LYS B 356 5.31 -1.62 18.57
CA LYS B 356 4.02 -1.42 18.00
C LYS B 356 3.17 -2.54 18.52
N SER B 357 1.85 -2.38 18.43
CA SER B 357 0.98 -3.41 18.95
C SER B 357 0.47 -4.27 17.83
N ARG B 358 0.31 -5.54 18.10
CA ARG B 358 -0.22 -6.49 17.13
C ARG B 358 -1.54 -6.07 16.53
N ASP B 359 -1.81 -6.63 15.36
CA ASP B 359 -3.13 -6.56 14.74
C ASP B 359 -3.23 -7.65 13.65
N PHE B 360 -4.43 -7.88 13.14
CA PHE B 360 -4.64 -9.00 12.20
C PHE B 360 -4.12 -8.67 10.82
N TYR B 361 -4.07 -7.38 10.49
CA TYR B 361 -3.61 -6.94 9.17
C TYR B 361 -2.14 -7.27 9.10
N HIS B 362 -1.40 -6.86 10.11
CA HIS B 362 0.05 -7.09 10.10
C HIS B 362 0.37 -8.57 10.28
N THR B 363 -0.49 -9.25 11.03
CA THR B 363 -0.33 -10.69 11.15
C THR B 363 -0.41 -11.32 9.75
N CYS B 364 -1.41 -10.92 9.00
CA CYS B 364 -1.63 -11.42 7.67
C CYS B 364 -0.42 -11.14 6.77
N TYR B 365 -0.03 -9.87 6.67
CA TYR B 365 0.98 -9.46 5.67
C TYR B 365 2.43 -9.83 6.06
N CYS B 366 2.78 -9.83 7.35
CA CYS B 366 4.09 -10.38 7.75
C CYS B 366 4.21 -11.81 7.32
N LEU B 367 3.18 -12.59 7.59
CA LEU B 367 3.23 -13.97 7.25
C LEU B 367 3.22 -14.15 5.73
N SER B 368 2.36 -13.41 5.01
CA SER B 368 2.37 -13.51 3.54
C SER B 368 3.77 -13.12 3.09
N GLY B 369 4.34 -12.11 3.73
CA GLY B 369 5.70 -11.71 3.42
C GLY B 369 6.67 -12.86 3.62
N LEU B 370 6.59 -13.52 4.78
CA LEU B 370 7.51 -14.61 5.14
C LEU B 370 7.47 -15.75 4.09
N SER B 371 6.24 -16.14 3.72
CA SER B 371 6.02 -17.21 2.77
C SER B 371 6.66 -16.91 1.44
N ILE B 372 6.56 -15.65 0.99
CA ILE B 372 7.16 -15.20 -0.27
C ILE B 372 8.68 -15.30 -0.18
N ALA B 373 9.23 -14.88 0.95
CA ALA B 373 10.68 -14.89 1.14
C ALA B 373 11.23 -16.32 1.33
N GLN B 374 10.38 -17.29 1.66
CA GLN B 374 10.81 -18.68 1.75
C GLN B 374 10.72 -19.42 0.41
N HIS B 375 9.72 -19.14 -0.39
CA HIS B 375 9.40 -19.97 -1.51
C HIS B 375 9.66 -19.25 -2.82
N PHE B 376 10.79 -19.60 -3.44
CA PHE B 376 11.08 -19.32 -4.85
C PHE B 376 10.60 -20.44 -5.74
N GLY B 377 10.04 -20.05 -6.86
CA GLY B 377 9.71 -20.98 -7.93
C GLY B 377 9.60 -20.19 -9.20
N SER B 378 10.10 -20.75 -10.30
CA SER B 378 10.06 -20.13 -11.65
C SER B 378 10.09 -21.28 -12.66
N GLY B 379 9.08 -21.33 -13.55
CA GLY B 379 9.09 -22.30 -14.64
C GLY B 379 9.03 -23.73 -14.13
N ALA B 380 10.20 -24.29 -13.80
CA ALA B 380 10.29 -25.58 -13.09
C ALA B 380 11.31 -25.59 -11.92
N MET B 381 11.89 -24.44 -11.62
CA MET B 381 12.76 -24.33 -10.47
C MET B 381 11.89 -24.22 -9.26
N LEU B 382 12.46 -24.59 -8.13
CA LEU B 382 11.84 -24.49 -6.84
C LEU B 382 13.00 -24.40 -5.91
N HIS B 383 13.00 -23.44 -5.02
CA HIS B 383 14.11 -23.35 -4.09
C HIS B 383 13.66 -22.60 -2.89
N ASP B 384 13.78 -23.23 -1.74
CA ASP B 384 13.28 -22.68 -0.53
C ASP B 384 14.41 -22.15 0.31
N VAL B 385 14.09 -21.19 1.15
CA VAL B 385 15.05 -20.67 2.10
C VAL B 385 14.26 -20.52 3.36
N VAL B 386 14.53 -21.38 4.32
CA VAL B 386 13.84 -21.32 5.58
C VAL B 386 14.82 -20.97 6.69
N MET B 387 14.97 -19.69 6.97
CA MET B 387 15.58 -19.25 8.22
C MET B 387 14.98 -19.91 9.49
N GLY B 388 15.85 -20.16 10.46
CA GLY B 388 15.44 -20.75 11.72
C GLY B 388 15.06 -22.21 11.57
N VAL B 389 14.45 -22.74 12.61
CA VAL B 389 14.05 -24.16 12.63
C VAL B 389 13.20 -24.45 11.43
N PRO B 390 13.27 -25.65 10.87
CA PRO B 390 12.50 -25.87 9.62
C PRO B 390 10.98 -25.91 9.79
N GLU B 391 10.51 -25.94 11.02
CA GLU B 391 9.06 -25.87 11.22
C GLU B 391 8.56 -24.43 10.99
N ASN B 392 9.48 -23.49 10.79
CA ASN B 392 9.17 -22.17 10.30
C ASN B 392 8.55 -22.08 8.90
N VAL B 393 8.74 -23.07 8.01
CA VAL B 393 8.15 -22.94 6.66
C VAL B 393 6.65 -22.70 6.71
N LEU B 394 6.19 -21.72 5.94
CA LEU B 394 4.76 -21.46 5.78
C LEU B 394 4.35 -22.19 4.58
N GLN B 395 3.06 -22.24 4.34
CA GLN B 395 2.51 -22.61 3.06
C GLN B 395 2.72 -21.52 2.04
N PRO B 396 2.72 -21.91 0.77
CA PRO B 396 2.91 -20.87 -0.26
C PRO B 396 1.68 -19.99 -0.47
N THR B 397 1.93 -18.73 -0.81
CA THR B 397 0.86 -17.84 -1.24
C THR B 397 1.02 -17.42 -2.73
N HIS B 398 -0.11 -17.22 -3.41
CA HIS B 398 -0.11 -16.70 -4.76
C HIS B 398 0.16 -15.21 -4.67
N PRO B 399 1.20 -14.72 -5.38
CA PRO B 399 1.54 -13.29 -5.22
C PRO B 399 0.64 -12.30 -5.95
N VAL B 400 -0.27 -12.77 -6.79
CA VAL B 400 -1.23 -11.83 -7.32
C VAL B 400 -2.41 -11.60 -6.38
N TYR B 401 -2.98 -12.69 -5.92
CA TYR B 401 -4.17 -12.70 -5.08
C TYR B 401 -3.90 -12.74 -3.57
N ASN B 402 -2.72 -13.17 -3.18
CA ASN B 402 -2.36 -13.42 -1.79
C ASN B 402 -3.40 -14.27 -1.05
N ILE B 403 -3.75 -15.37 -1.72
CA ILE B 403 -4.36 -16.53 -1.06
C ILE B 403 -3.53 -17.67 -1.61
N GLY B 404 -3.79 -18.90 -1.21
CA GLY B 404 -2.93 -19.99 -1.64
C GLY B 404 -3.09 -20.30 -3.11
N PRO B 405 -2.00 -20.75 -3.79
CA PRO B 405 -2.09 -21.10 -5.21
C PRO B 405 -3.11 -22.17 -5.53
N ASP B 406 -3.18 -23.23 -4.71
CA ASP B 406 -4.27 -24.21 -4.79
C ASP B 406 -5.67 -23.59 -4.84
N LYS B 407 -5.88 -22.60 -3.97
CA LYS B 407 -7.17 -21.96 -3.81
C LYS B 407 -7.51 -21.14 -5.01
N VAL B 408 -6.50 -20.45 -5.57
CA VAL B 408 -6.67 -19.69 -6.82
C VAL B 408 -7.20 -20.60 -7.94
N ILE B 409 -6.44 -21.67 -8.19
CA ILE B 409 -6.76 -22.72 -9.17
C ILE B 409 -8.16 -23.31 -9.04
N GLN B 410 -8.46 -23.75 -7.84
CA GLN B 410 -9.73 -24.33 -7.58
C GLN B 410 -10.85 -23.35 -7.90
N ALA B 411 -10.70 -22.12 -7.41
CA ALA B 411 -11.68 -21.10 -7.68
C ALA B 411 -11.75 -20.69 -9.15
N THR B 412 -10.64 -20.47 -9.84
CA THR B 412 -10.76 -20.03 -11.23
C THR B 412 -11.40 -21.16 -12.07
N THR B 413 -10.94 -22.40 -11.85
CA THR B 413 -11.64 -23.60 -12.35
C THR B 413 -13.17 -23.50 -12.17
N HIS B 414 -13.67 -23.63 -10.94
CA HIS B 414 -15.11 -23.58 -10.63
C HIS B 414 -15.85 -22.51 -11.41
N PHE B 415 -15.39 -21.27 -11.35
CA PHE B 415 -16.07 -20.17 -12.03
C PHE B 415 -15.90 -20.16 -13.56
N LEU B 416 -14.95 -20.92 -14.09
CA LEU B 416 -14.86 -21.14 -15.56
C LEU B 416 -15.94 -22.09 -16.10
N GLN B 417 -16.45 -22.97 -15.25
CA GLN B 417 -17.63 -23.78 -15.58
C GLN B 417 -18.86 -22.91 -15.88
N LYS B 418 -18.75 -21.60 -15.69
CA LYS B 418 -19.86 -20.68 -15.91
C LYS B 418 -19.50 -19.70 -17.01
N PRO B 419 -20.51 -19.22 -17.75
CA PRO B 419 -20.23 -18.22 -18.78
C PRO B 419 -20.09 -16.85 -18.15
N VAL B 420 -19.33 -15.99 -18.81
CA VAL B 420 -19.28 -14.59 -18.48
C VAL B 420 -20.66 -13.97 -18.78
N PRO B 421 -21.29 -13.28 -17.83
CA PRO B 421 -22.69 -12.84 -18.05
C PRO B 421 -22.89 -11.60 -18.93
N GLY B 422 -23.73 -11.61 -19.98
CA GLY B 422 -24.03 -12.76 -20.82
C GLY B 422 -23.13 -12.48 -22.02
N PHE B 423 -22.72 -13.49 -22.76
CA PHE B 423 -23.40 -14.75 -22.77
C PHE B 423 -22.41 -15.88 -23.00
N GLU B 424 -22.81 -17.15 -22.93
CA GLU B 424 -24.22 -17.68 -22.90
C GLU B 424 -24.81 -17.74 -24.36
N GLU B 425 -26.10 -17.44 -24.58
CA GLU B 425 -26.75 -17.67 -25.90
C GLU B 425 -26.02 -18.73 -26.72
ZN ZN C . 2.20 -1.75 8.28
O2 GBO D . 4.51 3.29 5.63
P1 GBO D . 3.98 4.79 5.47
O8 GBO D . 5.18 5.61 6.12
O1 GBO D . 3.61 5.12 4.08
O3 GBO D . 2.76 4.94 6.48
P2 GBO D . 1.46 5.87 6.28
O4 GBO D . 0.64 5.57 7.46
O9 GBO D . 1.72 7.32 5.94
O5 GBO D . 0.90 5.04 5.05
C1 GBO D . -0.01 5.47 4.09
C2 GBO D . -0.16 4.46 3.15
C3 GBO D . -1.12 4.53 2.18
C4 GBO D . -2.04 5.78 2.13
C5 GBO D . -1.34 3.44 1.13
C6 GBO D . -1.07 2.01 1.57
C7 GBO D . -1.75 1.16 0.71
C8 GBO D . -1.86 -0.21 0.79
C9 GBO D . -1.19 -0.91 1.98
C10 GBO D . -2.68 -1.02 -0.23
N1 GBO D . -3.83 -1.35 0.57
C11 GBO D . -4.82 -2.20 0.35
O6 GBO D . -4.98 -2.90 -0.65
C12 GBO D . -5.87 -2.22 1.51
C13 GBO D . -5.32 -2.49 2.95
C14 GBO D . -6.42 -2.19 3.98
C15 GBO D . -5.88 -1.39 5.18
C16 GBO D . -7.02 -1.20 6.24
S1 GBO D . -8.72 -1.79 5.78
C17 GBO D . -9.51 -0.91 7.18
C18 GBO D . -8.73 0.45 7.24
C19 GBO D . -7.29 0.30 6.62
N2 GBO D . -7.35 1.12 5.38
C20 GBO D . -8.57 1.65 5.24
O7 GBO D . -8.91 2.35 4.30
N3 GBO D . -9.37 1.32 6.26
#